data_6QGL
#
_entry.id   6QGL
#
_cell.length_a   114.300
_cell.length_b   114.300
_cell.length_c   445.220
_cell.angle_alpha   90.00
_cell.angle_beta   90.00
_cell.angle_gamma   120.00
#
_symmetry.space_group_name_H-M   'P 65 2 2'
#
loop_
_entity.id
_entity.type
_entity.pdbx_description
1 polymer VP5
2 non-polymer 'BROMIDE ION'
3 water water
#
_entity_poly.entity_id   1
_entity_poly.type   'polypeptide(L)'
_entity_poly.pdbx_seq_one_letter_code
;IAPLVGYAIGAAAISAVGGIGVGWTLREFEVVGSDDPAEGLTPDVLRNQLSDSVVKRKSNNQSTMVDNQNILDGVEHTAY
TEAKIAAIEELNAGSSESAVLSAANSAIDSYETTVRTNFYKSWNETVRELEAMTQTVIAHADVGLSYITDFGDPRFGNLA
SGTSPNTLKDTTVSMPDGTNFTLLTFRHNTGWDSGNAAYSVVEYNPKEVVTSTNSNTYNTVDGTQYMKFSEWNAVETEMD
TVFQNVRNGISTWVTNVYGDVQSGAIEISDLVTPRERATMMAQEEGMSQAIADLIALNVPVDAEREATITIQDTGATLPG
TFALTDSSDGPLSAGQTYDPSTFSGDVYFTADMSLVEGPWDAINSGVDGGTITITSEPYEGTAIEVTTVESETVSVPAAD
WTDNGDGTWSYDASGDLETTITNVDSARFVSTATETTYDTLQLKGAFTVDKLVNKQSGEEVSSTSFTSSEPQTDSNYITQ
DEWDQLEQQNKELIEKYEQSQSGGGLDLGGLD
;
_entity_poly.pdbx_strand_id   A,B
#
# COMPACT_ATOMS: atom_id res chain seq x y z
N ALA A 8 -22.14 3.78 8.38
CA ALA A 8 -22.44 3.25 9.71
C ALA A 8 -23.81 2.53 9.75
N ILE A 9 -24.17 1.86 8.63
CA ILE A 9 -25.44 1.15 8.43
C ILE A 9 -25.14 -0.17 7.72
N GLY A 10 -25.57 -1.29 8.30
CA GLY A 10 -25.37 -2.62 7.70
C GLY A 10 -26.54 -3.55 7.85
N ALA A 11 -26.32 -4.72 8.47
CA ALA A 11 -27.37 -5.72 8.72
C ALA A 11 -28.32 -5.10 9.74
N ALA A 12 -29.65 -5.19 9.51
CA ALA A 12 -30.64 -4.57 10.41
C ALA A 12 -30.35 -4.93 11.88
N ALA A 13 -29.85 -6.16 12.11
CA ALA A 13 -29.50 -6.69 13.42
C ALA A 13 -28.21 -6.10 13.98
N ILE A 14 -27.25 -5.73 13.16
CA ILE A 14 -26.00 -5.17 13.68
C ILE A 14 -25.69 -3.90 12.88
N SER A 15 -25.45 -2.76 13.54
CA SER A 15 -25.12 -1.49 12.89
C SER A 15 -23.90 -1.64 11.97
N ALA A 16 -23.08 -2.69 12.22
CA ALA A 16 -21.90 -3.08 11.47
C ALA A 16 -22.19 -3.33 9.98
N VAL A 17 -21.33 -2.74 9.11
CA VAL A 17 -21.36 -2.86 7.65
C VAL A 17 -21.01 -4.31 7.31
N GLY A 18 -21.97 -5.03 6.74
CA GLY A 18 -21.81 -6.44 6.41
C GLY A 18 -21.41 -6.77 4.99
N GLY A 19 -21.07 -8.03 4.77
CA GLY A 19 -20.66 -8.57 3.47
C GLY A 19 -19.46 -7.87 2.86
N ILE A 20 -18.46 -7.56 3.71
CA ILE A 20 -17.23 -6.85 3.32
C ILE A 20 -16.38 -7.69 2.37
N GLY A 21 -16.10 -7.13 1.19
CA GLY A 21 -15.28 -7.75 0.17
C GLY A 21 -14.04 -6.93 -0.08
N VAL A 22 -12.89 -7.42 0.39
CA VAL A 22 -11.60 -6.73 0.25
C VAL A 22 -10.77 -7.38 -0.87
N GLY A 23 -11.31 -8.41 -1.50
CA GLY A 23 -10.65 -9.14 -2.58
C GLY A 23 -10.24 -8.31 -3.78
N TRP A 24 -10.90 -7.15 -3.97
CA TRP A 24 -10.62 -6.20 -5.05
C TRP A 24 -9.23 -5.59 -4.96
N THR A 25 -8.61 -5.61 -3.77
CA THR A 25 -7.27 -5.09 -3.55
C THR A 25 -6.20 -6.15 -3.81
N LEU A 26 -6.62 -7.43 -3.99
CA LEU A 26 -5.68 -8.53 -4.19
C LEU A 26 -5.89 -9.35 -5.47
N ARG A 27 -7.07 -9.25 -6.10
CA ARG A 27 -7.40 -10.03 -7.30
C ARG A 27 -8.38 -9.27 -8.20
N GLU A 28 -8.56 -9.74 -9.45
CA GLU A 28 -9.52 -9.18 -10.38
C GLU A 28 -10.91 -9.45 -9.78
N PHE A 29 -11.67 -8.38 -9.52
CA PHE A 29 -12.98 -8.45 -8.90
C PHE A 29 -14.10 -8.23 -9.91
N GLU A 30 -15.07 -9.15 -9.94
CA GLU A 30 -16.22 -9.06 -10.82
C GLU A 30 -17.31 -8.23 -10.18
N VAL A 31 -17.84 -7.25 -10.94
CA VAL A 31 -18.89 -6.33 -10.47
C VAL A 31 -20.24 -7.03 -10.35
N VAL A 32 -21.09 -6.54 -9.42
CA VAL A 32 -22.44 -7.03 -9.19
C VAL A 32 -23.34 -6.29 -10.20
N GLY A 33 -24.07 -7.07 -11.01
CA GLY A 33 -24.95 -6.56 -12.05
C GLY A 33 -26.20 -5.85 -11.55
N SER A 34 -26.93 -5.20 -12.49
CA SER A 34 -28.17 -4.46 -12.22
C SER A 34 -29.40 -5.37 -12.32
N ASP A 35 -30.45 -5.05 -11.55
CA ASP A 35 -31.72 -5.77 -11.57
C ASP A 35 -32.68 -4.97 -12.45
N ASP A 36 -33.27 -5.63 -13.47
CA ASP A 36 -34.20 -4.97 -14.38
C ASP A 36 -35.68 -5.25 -14.03
N PRO A 37 -36.45 -4.21 -13.62
CA PRO A 37 -37.86 -4.43 -13.26
C PRO A 37 -38.76 -4.73 -14.47
N ALA A 38 -39.90 -5.41 -14.23
CA ALA A 38 -40.87 -5.81 -15.26
C ALA A 38 -41.56 -4.62 -15.95
N GLU A 39 -42.07 -4.82 -17.18
CA GLU A 39 -42.75 -3.79 -17.95
C GLU A 39 -44.11 -3.49 -17.30
N GLY A 40 -44.88 -4.56 -17.04
CA GLY A 40 -46.18 -4.47 -16.40
C GLY A 40 -46.01 -4.35 -14.91
N LEU A 41 -45.81 -3.10 -14.43
CA LEU A 41 -45.60 -2.80 -13.03
C LEU A 41 -46.44 -1.64 -12.54
N THR A 42 -46.64 -1.54 -11.23
CA THR A 42 -47.41 -0.46 -10.63
C THR A 42 -46.44 0.63 -10.11
N PRO A 43 -46.84 1.94 -10.13
CA PRO A 43 -45.92 3.00 -9.67
C PRO A 43 -45.33 2.75 -8.30
N ASP A 44 -46.15 2.27 -7.34
CA ASP A 44 -45.68 1.97 -5.99
C ASP A 44 -44.66 0.84 -5.99
N VAL A 45 -44.91 -0.22 -6.78
CA VAL A 45 -43.99 -1.38 -6.88
C VAL A 45 -42.68 -0.96 -7.54
N LEU A 46 -42.73 -0.13 -8.62
CA LEU A 46 -41.52 0.34 -9.29
C LEU A 46 -40.67 1.18 -8.35
N ARG A 47 -41.31 2.10 -7.59
CA ARG A 47 -40.63 2.96 -6.61
C ARG A 47 -39.94 2.13 -5.52
N ASN A 48 -40.60 1.06 -5.02
CA ASN A 48 -40.03 0.18 -4.01
C ASN A 48 -38.84 -0.61 -4.56
N GLN A 49 -38.97 -1.13 -5.80
CA GLN A 49 -37.91 -1.88 -6.47
C GLN A 49 -36.70 -1.01 -6.80
N LEU A 50 -36.92 0.26 -7.18
CA LEU A 50 -35.82 1.20 -7.46
C LEU A 50 -35.08 1.58 -6.17
N SER A 51 -35.84 1.83 -5.08
CA SER A 51 -35.29 2.16 -3.77
C SER A 51 -34.44 1.01 -3.24
N ASP A 52 -34.92 -0.24 -3.41
CA ASP A 52 -34.22 -1.47 -3.00
C ASP A 52 -32.91 -1.66 -3.76
N SER A 53 -32.89 -1.33 -5.07
CA SER A 53 -31.70 -1.44 -5.92
C SER A 53 -30.63 -0.44 -5.48
N VAL A 54 -31.04 0.80 -5.13
CA VAL A 54 -30.15 1.86 -4.65
C VAL A 54 -29.53 1.44 -3.31
N VAL A 55 -30.36 0.97 -2.36
CA VAL A 55 -29.94 0.50 -1.03
C VAL A 55 -28.92 -0.64 -1.19
N LYS A 56 -29.23 -1.63 -2.05
CA LYS A 56 -28.36 -2.78 -2.35
C LYS A 56 -27.02 -2.32 -2.95
N ARG A 57 -27.06 -1.41 -3.95
CA ARG A 57 -25.85 -0.86 -4.59
C ARG A 57 -24.98 -0.11 -3.60
N LYS A 58 -25.58 0.78 -2.77
CA LYS A 58 -24.85 1.55 -1.78
C LYS A 58 -24.19 0.62 -0.76
N SER A 59 -24.95 -0.37 -0.24
CA SER A 59 -24.50 -1.37 0.72
C SER A 59 -23.32 -2.18 0.18
N ASN A 60 -23.39 -2.58 -1.11
CA ASN A 60 -22.34 -3.33 -1.80
C ASN A 60 -21.09 -2.47 -1.95
N ASN A 61 -21.27 -1.20 -2.38
CA ASN A 61 -20.17 -0.24 -2.56
C ASN A 61 -19.50 0.11 -1.23
N GLN A 62 -20.29 0.22 -0.13
CA GLN A 62 -19.78 0.50 1.22
C GLN A 62 -18.88 -0.66 1.66
N SER A 63 -19.38 -1.90 1.57
CA SER A 63 -18.63 -3.10 1.97
C SER A 63 -17.36 -3.37 1.18
N THR A 64 -17.29 -2.99 -0.12
CA THR A 64 -16.10 -3.28 -0.92
C THR A 64 -15.15 -2.08 -1.07
N MET A 65 -15.57 -1.02 -1.79
CA MET A 65 -14.70 0.13 -2.11
C MET A 65 -14.71 1.30 -1.12
N VAL A 66 -15.89 1.85 -0.86
CA VAL A 66 -16.18 3.05 -0.08
C VAL A 66 -15.74 3.00 1.41
N ASP A 67 -16.07 1.92 2.16
CA ASP A 67 -15.78 1.85 3.61
C ASP A 67 -14.52 1.06 4.03
N ASN A 68 -13.64 0.70 3.09
CA ASN A 68 -12.43 -0.05 3.45
C ASN A 68 -11.16 0.81 3.31
N GLN A 69 -11.24 2.07 3.78
CA GLN A 69 -10.17 3.06 3.72
C GLN A 69 -8.92 2.72 4.52
N ASN A 70 -9.10 2.23 5.77
CA ASN A 70 -7.98 1.91 6.66
C ASN A 70 -7.26 0.58 6.36
N ILE A 71 -7.59 -0.08 5.23
CA ILE A 71 -6.89 -1.31 4.82
C ILE A 71 -5.98 -1.01 3.64
N LEU A 72 -5.94 0.27 3.21
CA LEU A 72 -5.13 0.72 2.07
C LEU A 72 -3.63 0.73 2.40
N ASP A 73 -3.25 0.76 3.70
CA ASP A 73 -1.84 0.65 4.11
C ASP A 73 -1.33 -0.77 3.82
N GLY A 74 -2.27 -1.72 3.77
CA GLY A 74 -2.02 -3.11 3.43
C GLY A 74 -1.76 -3.31 1.96
N VAL A 75 -2.33 -2.41 1.11
CA VAL A 75 -2.13 -2.41 -0.35
C VAL A 75 -0.68 -2.00 -0.61
N GLU A 76 -0.18 -1.03 0.18
CA GLU A 76 1.20 -0.52 0.17
C GLU A 76 2.15 -1.67 0.54
N HIS A 77 1.78 -2.48 1.56
CA HIS A 77 2.53 -3.64 2.05
C HIS A 77 2.62 -4.71 0.96
N THR A 78 1.46 -5.03 0.31
CA THR A 78 1.33 -6.00 -0.78
C THR A 78 2.18 -5.57 -1.98
N ALA A 79 2.13 -4.27 -2.33
CA ALA A 79 2.88 -3.69 -3.44
C ALA A 79 4.38 -3.71 -3.19
N TYR A 80 4.81 -3.50 -1.92
CA TYR A 80 6.22 -3.54 -1.53
C TYR A 80 6.74 -4.97 -1.61
N THR A 81 5.97 -5.97 -1.10
CA THR A 81 6.33 -7.39 -1.11
C THR A 81 6.64 -7.81 -2.55
N GLU A 82 5.66 -7.60 -3.44
CA GLU A 82 5.72 -7.97 -4.85
C GLU A 82 6.87 -7.32 -5.62
N ALA A 83 7.06 -6.01 -5.43
CA ALA A 83 8.13 -5.25 -6.10
C ALA A 83 9.52 -5.62 -5.60
N LYS A 84 9.68 -5.83 -4.27
CA LYS A 84 10.95 -6.20 -3.66
C LYS A 84 11.43 -7.54 -4.15
N ILE A 85 10.52 -8.54 -4.25
CA ILE A 85 10.80 -9.88 -4.78
C ILE A 85 11.32 -9.78 -6.22
N ALA A 86 10.62 -9.01 -7.08
CA ALA A 86 11.00 -8.76 -8.47
C ALA A 86 12.39 -8.11 -8.57
N ALA A 87 12.69 -7.17 -7.65
CA ALA A 87 13.96 -6.46 -7.57
C ALA A 87 15.10 -7.37 -7.12
N ILE A 88 14.86 -8.22 -6.08
CA ILE A 88 15.86 -9.16 -5.53
C ILE A 88 16.33 -10.13 -6.62
N GLU A 89 15.39 -10.66 -7.44
CA GLU A 89 15.69 -11.59 -8.54
C GLU A 89 16.66 -10.95 -9.53
N GLU A 90 16.42 -9.67 -9.86
CA GLU A 90 17.25 -8.88 -10.77
C GLU A 90 18.60 -8.53 -10.15
N LEU A 91 18.64 -8.18 -8.84
CA LEU A 91 19.88 -7.88 -8.10
C LEU A 91 20.80 -9.10 -8.06
N ASN A 92 20.21 -10.30 -7.84
CA ASN A 92 20.91 -11.57 -7.78
C ASN A 92 21.52 -11.97 -9.14
N ALA A 93 20.90 -11.50 -10.24
CA ALA A 93 21.36 -11.76 -11.60
C ALA A 93 22.48 -10.80 -12.06
N GLY A 94 22.88 -9.88 -11.17
CA GLY A 94 23.91 -8.89 -11.42
C GLY A 94 23.54 -7.86 -12.48
N SER A 95 22.22 -7.55 -12.57
CA SER A 95 21.65 -6.62 -13.55
C SER A 95 21.94 -5.16 -13.21
N SER A 96 21.68 -4.26 -14.18
CA SER A 96 21.83 -2.81 -14.04
C SER A 96 20.76 -2.28 -13.08
N GLU A 97 21.01 -1.11 -12.45
CA GLU A 97 20.06 -0.50 -11.53
C GLU A 97 18.70 -0.20 -12.20
N SER A 98 18.73 0.17 -13.50
CA SER A 98 17.54 0.43 -14.32
C SER A 98 16.72 -0.85 -14.49
N ALA A 99 17.39 -1.99 -14.76
CA ALA A 99 16.77 -3.30 -14.93
C ALA A 99 16.12 -3.78 -13.62
N VAL A 100 16.76 -3.49 -12.46
CA VAL A 100 16.27 -3.85 -11.14
C VAL A 100 14.96 -3.10 -10.88
N LEU A 101 14.98 -1.76 -11.09
CA LEU A 101 13.82 -0.87 -10.92
C LEU A 101 12.72 -1.19 -11.93
N SER A 102 13.10 -1.61 -13.14
CA SER A 102 12.18 -2.00 -14.22
C SER A 102 11.33 -3.18 -13.79
N ALA A 103 11.95 -4.23 -13.19
CA ALA A 103 11.25 -5.43 -12.73
C ALA A 103 10.33 -5.10 -11.55
N ALA A 104 10.81 -4.26 -10.61
CA ALA A 104 10.05 -3.83 -9.43
C ALA A 104 8.84 -2.98 -9.81
N ASN A 105 9.04 -1.99 -10.72
CA ASN A 105 7.96 -1.12 -11.17
C ASN A 105 6.97 -1.81 -12.08
N SER A 106 7.40 -2.87 -12.81
CA SER A 106 6.50 -3.65 -13.66
C SER A 106 5.54 -4.44 -12.77
N ALA A 107 6.01 -4.86 -11.58
CA ALA A 107 5.19 -5.55 -10.58
C ALA A 107 4.16 -4.58 -10.01
N ILE A 108 4.58 -3.34 -9.67
CA ILE A 108 3.70 -2.28 -9.16
C ILE A 108 2.66 -1.93 -10.24
N ASP A 109 3.09 -1.76 -11.51
CA ASP A 109 2.20 -1.44 -12.63
C ASP A 109 1.05 -2.42 -12.77
N SER A 110 1.34 -3.73 -12.77
CA SER A 110 0.33 -4.77 -12.88
C SER A 110 -0.58 -4.79 -11.65
N TYR A 111 -0.02 -4.56 -10.44
CA TYR A 111 -0.79 -4.56 -9.20
C TYR A 111 -1.72 -3.35 -9.12
N GLU A 112 -1.21 -2.14 -9.43
CA GLU A 112 -1.98 -0.89 -9.44
C GLU A 112 -3.10 -0.94 -10.46
N THR A 113 -2.83 -1.48 -11.67
CA THR A 113 -3.82 -1.61 -12.74
C THR A 113 -4.99 -2.45 -12.26
N THR A 114 -4.73 -3.58 -11.59
CA THR A 114 -5.76 -4.48 -11.05
C THR A 114 -6.63 -3.75 -10.03
N VAL A 115 -6.01 -3.10 -9.01
CA VAL A 115 -6.68 -2.36 -7.94
C VAL A 115 -7.52 -1.22 -8.51
N ARG A 116 -6.92 -0.39 -9.40
CA ARG A 116 -7.60 0.75 -10.02
C ARG A 116 -8.74 0.30 -10.93
N THR A 117 -8.50 -0.69 -11.80
CA THR A 117 -9.51 -1.23 -12.73
C THR A 117 -10.72 -1.73 -11.93
N ASN A 118 -10.50 -2.48 -10.83
CA ASN A 118 -11.59 -2.99 -9.98
C ASN A 118 -12.41 -1.85 -9.38
N PHE A 119 -11.71 -0.82 -8.86
CA PHE A 119 -12.32 0.35 -8.26
C PHE A 119 -13.17 1.14 -9.28
N TYR A 120 -12.59 1.47 -10.45
CA TYR A 120 -13.31 2.19 -11.51
C TYR A 120 -14.43 1.37 -12.14
N LYS A 121 -14.26 0.03 -12.21
CA LYS A 121 -15.27 -0.89 -12.74
C LYS A 121 -16.54 -0.82 -11.90
N SER A 122 -16.41 -0.78 -10.56
CA SER A 122 -17.57 -0.71 -9.65
C SER A 122 -18.28 0.64 -9.73
N TRP A 123 -17.54 1.75 -10.01
CA TRP A 123 -18.11 3.09 -10.20
C TRP A 123 -18.94 3.05 -11.48
N ASN A 124 -18.34 2.54 -12.58
CA ASN A 124 -18.97 2.41 -13.89
C ASN A 124 -20.28 1.64 -13.81
N GLU A 125 -20.32 0.54 -13.03
CA GLU A 125 -21.54 -0.24 -12.85
C GLU A 125 -22.62 0.53 -12.10
N THR A 126 -22.23 1.29 -11.05
CA THR A 126 -23.15 2.10 -10.23
C THR A 126 -23.85 3.13 -11.15
N VAL A 127 -23.04 3.81 -11.95
CA VAL A 127 -23.40 4.86 -12.89
C VAL A 127 -24.20 4.30 -14.09
N ARG A 128 -23.88 3.08 -14.57
CA ARG A 128 -24.61 2.41 -15.66
C ARG A 128 -25.98 1.98 -15.17
N GLU A 129 -26.06 1.52 -13.90
CA GLU A 129 -27.30 1.08 -13.26
C GLU A 129 -28.25 2.26 -13.12
N LEU A 130 -27.76 3.43 -12.66
CA LEU A 130 -28.58 4.64 -12.54
C LEU A 130 -29.21 4.99 -13.88
N GLU A 131 -28.43 4.90 -14.98
CA GLU A 131 -28.92 5.15 -16.34
C GLU A 131 -30.01 4.15 -16.72
N ALA A 132 -29.80 2.85 -16.40
CA ALA A 132 -30.77 1.78 -16.68
C ALA A 132 -32.07 2.01 -15.89
N MET A 133 -31.94 2.49 -14.63
CA MET A 133 -33.07 2.82 -13.75
C MET A 133 -33.81 4.04 -14.29
N THR A 134 -33.05 5.05 -14.77
CA THR A 134 -33.58 6.28 -15.37
C THR A 134 -34.39 5.93 -16.62
N GLN A 135 -33.83 5.07 -17.50
CA GLN A 135 -34.50 4.62 -18.73
C GLN A 135 -35.82 3.92 -18.44
N THR A 136 -35.88 3.13 -17.35
CA THR A 136 -37.07 2.41 -16.89
C THR A 136 -38.16 3.42 -16.50
N VAL A 137 -37.82 4.42 -15.66
CA VAL A 137 -38.72 5.49 -15.21
C VAL A 137 -39.29 6.25 -16.41
N ILE A 138 -38.44 6.55 -17.41
CA ILE A 138 -38.82 7.22 -18.66
C ILE A 138 -39.86 6.38 -19.43
N ALA A 139 -39.66 5.04 -19.46
CA ALA A 139 -40.53 4.09 -20.16
C ALA A 139 -41.85 3.80 -19.46
N HIS A 140 -41.85 3.69 -18.11
CA HIS A 140 -43.06 3.41 -17.36
C HIS A 140 -44.03 4.57 -17.43
N ALA A 141 -43.49 5.81 -17.28
CA ALA A 141 -44.21 7.08 -17.38
C ALA A 141 -45.21 7.33 -16.24
N ASP A 142 -45.23 6.43 -15.25
CA ASP A 142 -46.08 6.52 -14.05
C ASP A 142 -45.25 7.00 -12.84
N VAL A 143 -43.91 7.10 -13.01
CA VAL A 143 -42.97 7.55 -11.98
C VAL A 143 -42.16 8.74 -12.56
N GLY A 144 -41.99 9.78 -11.75
CA GLY A 144 -41.24 10.95 -12.16
C GLY A 144 -39.75 10.75 -12.04
N LEU A 145 -38.97 11.49 -12.87
CA LEU A 145 -37.51 11.46 -12.86
C LEU A 145 -36.96 11.97 -11.53
N SER A 146 -37.72 12.87 -10.86
CA SER A 146 -37.38 13.45 -9.56
C SER A 146 -37.23 12.34 -8.49
N TYR A 147 -37.80 11.15 -8.74
CA TYR A 147 -37.70 10.04 -7.81
C TYR A 147 -36.33 9.34 -7.88
N ILE A 148 -35.81 9.10 -9.10
CA ILE A 148 -34.58 8.36 -9.36
C ILE A 148 -33.33 9.27 -9.58
N THR A 149 -33.51 10.48 -10.11
CA THR A 149 -32.38 11.40 -10.32
C THR A 149 -32.66 12.71 -9.60
N ASP A 150 -32.24 12.80 -8.33
CA ASP A 150 -32.39 14.01 -7.52
C ASP A 150 -31.01 14.49 -7.09
N PHE A 151 -30.58 15.61 -7.66
CA PHE A 151 -29.27 16.20 -7.37
C PHE A 151 -29.41 17.49 -6.57
N GLY A 152 -30.63 17.77 -6.11
CA GLY A 152 -30.93 18.94 -5.29
C GLY A 152 -32.13 19.71 -5.78
N ASP A 153 -32.20 19.98 -7.09
CA ASP A 153 -33.30 20.69 -7.74
C ASP A 153 -33.87 19.81 -8.88
N PRO A 154 -34.67 18.78 -8.53
CA PRO A 154 -35.17 17.86 -9.56
C PRO A 154 -36.41 18.36 -10.32
N ARG A 155 -36.24 19.45 -11.08
CA ARG A 155 -37.30 20.06 -11.89
C ARG A 155 -37.02 19.74 -13.36
N PHE A 156 -37.78 18.78 -13.94
CA PHE A 156 -37.55 18.32 -15.31
C PHE A 156 -38.57 18.82 -16.34
N GLY A 157 -39.16 19.99 -16.06
CA GLY A 157 -40.17 20.65 -16.86
C GLY A 157 -39.82 20.99 -18.29
N ASN A 158 -38.53 21.27 -18.58
CA ASN A 158 -38.04 21.64 -19.92
C ASN A 158 -37.28 20.48 -20.63
N LEU A 159 -37.26 19.28 -20.02
CA LEU A 159 -36.59 18.13 -20.61
C LEU A 159 -37.50 17.37 -21.58
N ALA A 160 -37.03 17.18 -22.83
CA ALA A 160 -37.75 16.50 -23.92
C ALA A 160 -38.18 15.08 -23.55
N SER A 161 -39.33 14.62 -24.09
CA SER A 161 -39.87 13.28 -23.86
C SER A 161 -38.96 12.20 -24.46
N GLY A 162 -38.70 11.15 -23.68
CA GLY A 162 -37.86 10.03 -24.09
C GLY A 162 -36.37 10.29 -24.01
N THR A 163 -35.99 11.46 -23.46
CA THR A 163 -34.61 11.91 -23.29
C THR A 163 -34.22 11.73 -21.83
N SER A 164 -33.00 11.23 -21.59
CA SER A 164 -32.47 11.05 -20.24
C SER A 164 -31.76 12.33 -19.79
N PRO A 165 -31.92 12.76 -18.51
CA PRO A 165 -31.19 13.95 -18.04
C PRO A 165 -29.70 13.64 -17.81
N ASN A 166 -29.33 12.34 -17.87
CA ASN A 166 -27.98 11.82 -17.67
C ASN A 166 -27.23 11.60 -18.98
N THR A 167 -25.90 11.72 -18.91
CA THR A 167 -24.96 11.47 -20.00
C THR A 167 -23.75 10.75 -19.38
N LEU A 168 -23.43 9.55 -19.89
CA LEU A 168 -22.27 8.79 -19.42
C LEU A 168 -21.15 9.05 -20.42
N LYS A 169 -20.23 9.96 -20.04
CA LYS A 169 -19.10 10.40 -20.86
C LYS A 169 -17.89 9.50 -20.71
N ASP A 170 -17.30 9.09 -21.83
CA ASP A 170 -16.11 8.24 -21.84
C ASP A 170 -14.89 9.08 -21.49
N THR A 171 -14.19 8.69 -20.42
CA THR A 171 -12.98 9.37 -19.94
C THR A 171 -11.85 8.36 -19.92
N THR A 172 -10.76 8.65 -20.67
CA THR A 172 -9.60 7.78 -20.76
C THR A 172 -8.70 7.96 -19.54
N VAL A 173 -8.41 6.84 -18.86
CA VAL A 173 -7.52 6.74 -17.70
C VAL A 173 -6.28 5.99 -18.20
N SER A 174 -5.09 6.55 -17.95
CA SER A 174 -3.85 5.90 -18.37
C SER A 174 -3.36 4.98 -17.28
N MET A 175 -3.60 3.66 -17.45
CA MET A 175 -3.21 2.64 -16.49
C MET A 175 -1.68 2.49 -16.49
N PRO A 176 -1.06 2.23 -15.31
CA PRO A 176 0.41 2.15 -15.26
C PRO A 176 1.06 1.08 -16.14
N ASP A 177 0.31 0.06 -16.59
CA ASP A 177 0.84 -1.00 -17.44
C ASP A 177 0.88 -0.62 -18.94
N GLY A 178 0.57 0.64 -19.24
CA GLY A 178 0.59 1.17 -20.59
C GLY A 178 -0.73 1.12 -21.33
N THR A 179 -1.74 0.45 -20.73
CA THR A 179 -3.08 0.30 -21.31
C THR A 179 -3.99 1.47 -20.92
N ASN A 180 -5.09 1.64 -21.67
CA ASN A 180 -6.10 2.66 -21.41
C ASN A 180 -7.37 2.03 -20.87
N PHE A 181 -8.00 2.67 -19.87
CA PHE A 181 -9.26 2.22 -19.29
C PHE A 181 -10.31 3.31 -19.46
N THR A 182 -11.53 2.92 -19.85
CA THR A 182 -12.64 3.85 -20.02
C THR A 182 -13.39 4.01 -18.71
N LEU A 183 -13.19 5.14 -18.04
CA LEU A 183 -13.89 5.53 -16.82
C LEU A 183 -15.10 6.34 -17.27
N LEU A 184 -16.28 6.07 -16.70
CA LEU A 184 -17.47 6.80 -17.08
C LEU A 184 -17.64 8.03 -16.19
N THR A 185 -17.67 9.21 -16.82
CA THR A 185 -17.89 10.47 -16.11
C THR A 185 -19.38 10.71 -16.15
N PHE A 186 -19.99 10.81 -14.96
CA PHE A 186 -21.42 11.03 -14.84
C PHE A 186 -21.78 12.51 -14.95
N ARG A 187 -22.54 12.85 -16.01
CA ARG A 187 -23.06 14.20 -16.23
C ARG A 187 -24.58 14.13 -16.08
N HIS A 188 -25.17 15.13 -15.39
CA HIS A 188 -26.61 15.24 -15.17
C HIS A 188 -27.05 16.69 -15.37
N ASN A 189 -28.02 16.90 -16.27
CA ASN A 189 -28.61 18.21 -16.55
C ASN A 189 -30.13 18.07 -16.53
N THR A 190 -30.81 18.89 -15.71
CA THR A 190 -32.27 18.87 -15.56
C THR A 190 -33.02 19.33 -16.81
N GLY A 191 -32.33 20.05 -17.71
CA GLY A 191 -32.91 20.47 -18.98
C GLY A 191 -33.13 21.94 -19.24
N TRP A 192 -33.01 22.79 -18.20
CA TRP A 192 -33.20 24.24 -18.33
C TRP A 192 -32.00 24.89 -19.01
N ASP A 193 -32.17 26.10 -19.57
CA ASP A 193 -31.08 26.82 -20.20
C ASP A 193 -30.26 27.54 -19.16
N SER A 194 -28.97 27.75 -19.47
CA SER A 194 -28.06 28.55 -18.67
C SER A 194 -28.64 29.95 -18.87
N GLY A 195 -29.11 30.48 -17.77
CA GLY A 195 -29.81 31.76 -17.64
C GLY A 195 -31.01 31.62 -16.72
N ASN A 196 -31.60 30.41 -16.67
CA ASN A 196 -32.75 30.08 -15.83
C ASN A 196 -32.29 29.86 -14.39
N ALA A 197 -33.13 30.26 -13.42
CA ALA A 197 -32.84 30.09 -11.98
C ALA A 197 -32.82 28.62 -11.58
N ALA A 198 -33.61 27.79 -12.30
CA ALA A 198 -33.76 26.35 -12.08
C ALA A 198 -32.58 25.54 -12.61
N TYR A 199 -31.76 26.13 -13.54
CA TYR A 199 -30.59 25.48 -14.16
C TYR A 199 -29.77 24.72 -13.13
N SER A 200 -29.73 23.39 -13.28
CA SER A 200 -29.02 22.48 -12.40
C SER A 200 -28.23 21.46 -13.23
N VAL A 201 -26.90 21.49 -13.10
CA VAL A 201 -25.98 20.59 -13.80
C VAL A 201 -24.85 20.12 -12.86
N VAL A 202 -24.55 18.82 -12.91
CA VAL A 202 -23.48 18.17 -12.17
C VAL A 202 -22.70 17.24 -13.10
N GLU A 203 -21.38 17.22 -12.99
CA GLU A 203 -20.50 16.36 -13.78
C GLU A 203 -19.33 15.97 -12.90
N TYR A 204 -19.19 14.66 -12.62
CA TYR A 204 -18.12 14.14 -11.77
C TYR A 204 -17.84 12.65 -11.97
N ASN A 205 -16.79 12.16 -11.31
CA ASN A 205 -16.31 10.78 -11.27
C ASN A 205 -15.47 10.60 -10.00
N PRO A 206 -14.92 9.42 -9.64
CA PRO A 206 -14.11 9.32 -8.41
C PRO A 206 -12.87 10.22 -8.38
N LYS A 207 -12.35 10.64 -9.56
CA LYS A 207 -11.14 11.48 -9.67
C LYS A 207 -11.36 12.97 -9.41
N GLU A 208 -12.42 13.58 -10.02
CA GLU A 208 -12.68 15.02 -9.90
C GLU A 208 -14.14 15.40 -10.15
N VAL A 209 -14.49 16.64 -9.77
CA VAL A 209 -15.79 17.27 -10.02
C VAL A 209 -15.52 18.26 -11.16
N VAL A 210 -16.05 17.97 -12.36
CA VAL A 210 -15.88 18.80 -13.56
C VAL A 210 -16.66 20.12 -13.39
N THR A 211 -18.00 20.05 -13.24
CA THR A 211 -18.85 21.24 -13.06
C THR A 211 -19.97 20.93 -12.08
N SER A 212 -20.22 21.86 -11.13
CA SER A 212 -21.32 21.74 -10.17
C SER A 212 -22.08 23.06 -10.12
N THR A 213 -23.32 23.06 -10.60
CA THR A 213 -24.17 24.26 -10.64
C THR A 213 -25.52 23.90 -10.01
N ASN A 214 -25.93 24.63 -8.95
CA ASN A 214 -27.20 24.36 -8.24
C ASN A 214 -27.37 22.85 -8.12
N SER A 215 -26.28 22.17 -7.70
CA SER A 215 -26.19 20.72 -7.64
C SER A 215 -25.47 20.17 -6.42
N ASN A 216 -25.75 18.89 -6.13
CA ASN A 216 -25.13 18.06 -5.10
C ASN A 216 -24.47 16.93 -5.87
N THR A 217 -23.20 16.61 -5.55
CA THR A 217 -22.48 15.54 -6.25
C THR A 217 -23.29 14.25 -6.14
N TYR A 218 -23.55 13.81 -4.90
CA TYR A 218 -24.36 12.63 -4.59
C TYR A 218 -25.81 12.67 -5.11
N ASN A 219 -26.41 11.48 -5.31
CA ASN A 219 -27.81 11.30 -5.70
C ASN A 219 -28.64 10.94 -4.47
N THR A 220 -29.89 11.42 -4.41
CA THR A 220 -30.81 11.13 -3.31
C THR A 220 -32.03 10.39 -3.85
N VAL A 221 -32.17 9.10 -3.49
CA VAL A 221 -33.29 8.25 -3.92
C VAL A 221 -33.93 7.65 -2.67
N ASP A 222 -35.19 8.06 -2.40
CA ASP A 222 -35.98 7.61 -1.24
C ASP A 222 -35.20 7.80 0.09
N GLY A 223 -34.69 9.01 0.29
CA GLY A 223 -33.93 9.39 1.48
C GLY A 223 -32.50 8.88 1.57
N THR A 224 -32.10 7.97 0.65
CA THR A 224 -30.76 7.38 0.61
C THR A 224 -29.84 8.21 -0.29
N GLN A 225 -28.70 8.65 0.27
CA GLN A 225 -27.68 9.41 -0.45
C GLN A 225 -26.60 8.44 -0.89
N TYR A 226 -26.32 8.37 -2.19
CA TYR A 226 -25.28 7.50 -2.74
C TYR A 226 -24.56 8.21 -3.88
N MET A 227 -23.52 7.56 -4.49
CA MET A 227 -22.68 8.11 -5.56
C MET A 227 -21.95 9.36 -5.02
N LYS A 228 -21.68 9.41 -3.71
CA LYS A 228 -21.05 10.53 -3.03
C LYS A 228 -19.62 10.73 -3.52
N PHE A 229 -19.34 11.91 -4.11
CA PHE A 229 -17.99 12.22 -4.58
C PHE A 229 -17.00 12.19 -3.42
N SER A 230 -17.38 12.74 -2.25
CA SER A 230 -16.55 12.77 -1.05
C SER A 230 -16.12 11.35 -0.62
N GLU A 231 -17.03 10.36 -0.75
CA GLU A 231 -16.76 8.96 -0.40
C GLU A 231 -15.84 8.29 -1.43
N TRP A 232 -16.18 8.40 -2.73
CA TRP A 232 -15.42 7.82 -3.84
C TRP A 232 -14.04 8.46 -4.03
N ASN A 233 -13.95 9.79 -3.89
CA ASN A 233 -12.70 10.54 -4.02
C ASN A 233 -11.74 10.25 -2.87
N ALA A 234 -12.27 9.97 -1.67
CA ALA A 234 -11.47 9.65 -0.48
C ALA A 234 -10.61 8.42 -0.75
N VAL A 235 -11.22 7.36 -1.34
CA VAL A 235 -10.54 6.11 -1.70
C VAL A 235 -9.54 6.38 -2.84
N GLU A 236 -9.96 7.21 -3.82
CA GLU A 236 -9.13 7.60 -4.96
C GLU A 236 -7.83 8.28 -4.53
N THR A 237 -7.95 9.35 -3.70
CA THR A 237 -6.80 10.13 -3.19
C THR A 237 -5.89 9.28 -2.31
N GLU A 238 -6.46 8.33 -1.55
CA GLU A 238 -5.71 7.42 -0.70
C GLU A 238 -4.95 6.40 -1.54
N MET A 239 -5.58 5.93 -2.64
CA MET A 239 -4.99 4.99 -3.59
C MET A 239 -3.77 5.63 -4.25
N ASP A 240 -3.88 6.93 -4.64
CA ASP A 240 -2.78 7.69 -5.24
C ASP A 240 -1.61 7.79 -4.27
N THR A 241 -1.92 8.12 -2.98
CA THR A 241 -0.94 8.24 -1.92
C THR A 241 -0.15 6.95 -1.75
N VAL A 242 -0.87 5.82 -1.62
CA VAL A 242 -0.33 4.47 -1.44
C VAL A 242 0.62 4.08 -2.58
N PHE A 243 0.20 4.22 -3.85
CA PHE A 243 1.07 3.85 -4.97
C PHE A 243 2.21 4.84 -5.23
N GLN A 244 2.08 6.10 -4.77
CA GLN A 244 3.17 7.08 -4.88
C GLN A 244 4.25 6.69 -3.89
N ASN A 245 3.83 6.36 -2.64
CA ASN A 245 4.71 5.93 -1.54
C ASN A 245 5.48 4.67 -1.89
N VAL A 246 4.84 3.69 -2.59
CA VAL A 246 5.46 2.42 -2.99
C VAL A 246 6.57 2.69 -4.02
N ARG A 247 6.25 3.46 -5.08
CA ARG A 247 7.20 3.78 -6.15
C ARG A 247 8.39 4.60 -5.67
N ASN A 248 8.14 5.62 -4.84
CA ASN A 248 9.19 6.47 -4.27
C ASN A 248 10.03 5.66 -3.29
N GLY A 249 9.35 4.81 -2.51
CA GLY A 249 9.94 3.94 -1.51
C GLY A 249 10.82 2.88 -2.09
N ILE A 250 10.40 2.27 -3.22
CA ILE A 250 11.15 1.23 -3.94
C ILE A 250 12.35 1.86 -4.64
N SER A 251 12.23 3.14 -5.05
CA SER A 251 13.33 3.85 -5.67
C SER A 251 14.44 4.11 -4.63
N THR A 252 14.04 4.56 -3.41
CA THR A 252 14.93 4.83 -2.28
C THR A 252 15.58 3.51 -1.85
N TRP A 253 14.76 2.42 -1.79
CA TRP A 253 15.16 1.07 -1.42
C TRP A 253 16.27 0.55 -2.32
N VAL A 254 16.05 0.53 -3.65
CA VAL A 254 17.00 0.09 -4.66
C VAL A 254 18.29 0.93 -4.63
N THR A 255 18.15 2.28 -4.52
CA THR A 255 19.29 3.20 -4.46
C THR A 255 20.25 2.86 -3.30
N ASN A 256 19.70 2.51 -2.12
CA ASN A 256 20.45 2.18 -0.93
C ASN A 256 20.90 0.71 -0.84
N VAL A 257 20.23 -0.20 -1.60
CA VAL A 257 20.45 -1.65 -1.62
C VAL A 257 21.37 -2.11 -2.77
N TYR A 258 21.40 -1.36 -3.87
CA TYR A 258 22.21 -1.70 -5.04
C TYR A 258 23.71 -1.66 -4.72
N GLY A 259 24.36 -2.80 -4.91
CA GLY A 259 25.79 -2.95 -4.69
C GLY A 259 26.24 -3.54 -3.37
N ASP A 260 25.59 -3.13 -2.25
CA ASP A 260 25.98 -3.62 -0.91
C ASP A 260 25.32 -4.95 -0.53
N VAL A 261 24.08 -5.20 -1.00
CA VAL A 261 23.40 -6.48 -0.76
C VAL A 261 23.89 -7.43 -1.84
N GLN A 262 24.73 -8.40 -1.44
CA GLN A 262 25.39 -9.40 -2.31
C GLN A 262 24.41 -10.22 -3.13
N SER A 263 24.77 -10.50 -4.39
CA SER A 263 23.95 -11.30 -5.32
C SER A 263 23.94 -12.77 -4.88
N GLY A 264 22.81 -13.18 -4.31
CA GLY A 264 22.60 -14.53 -3.80
C GLY A 264 22.28 -14.59 -2.31
N ALA A 265 22.44 -13.44 -1.59
CA ALA A 265 22.19 -13.31 -0.15
C ALA A 265 20.74 -13.64 0.23
N ILE A 266 19.77 -13.19 -0.60
CA ILE A 266 18.33 -13.45 -0.42
C ILE A 266 17.86 -14.33 -1.58
N GLU A 267 17.23 -15.48 -1.27
CA GLU A 267 16.69 -16.40 -2.27
C GLU A 267 15.19 -16.55 -2.02
N ILE A 268 14.39 -15.87 -2.86
CA ILE A 268 12.92 -15.76 -2.73
C ILE A 268 12.17 -16.32 -3.97
N SER A 269 12.89 -16.87 -4.97
CA SER A 269 12.34 -17.43 -6.21
C SER A 269 11.10 -18.35 -6.02
N ASP A 270 11.05 -19.13 -4.92
CA ASP A 270 9.97 -20.09 -4.63
C ASP A 270 9.01 -19.65 -3.50
N LEU A 271 9.13 -18.39 -3.02
CA LEU A 271 8.31 -17.82 -1.95
C LEU A 271 6.82 -17.75 -2.31
N VAL A 272 5.95 -18.15 -1.36
CA VAL A 272 4.49 -18.08 -1.48
C VAL A 272 4.09 -16.86 -0.65
N THR A 273 3.77 -15.76 -1.35
CA THR A 273 3.41 -14.47 -0.75
C THR A 273 2.05 -14.52 -0.08
N PRO A 274 1.78 -13.70 0.97
CA PRO A 274 0.45 -13.69 1.61
C PRO A 274 -0.70 -13.47 0.60
N ARG A 275 -0.45 -12.66 -0.46
CA ARG A 275 -1.41 -12.40 -1.55
C ARG A 275 -1.70 -13.70 -2.29
N GLU A 276 -0.64 -14.43 -2.74
CA GLU A 276 -0.73 -15.72 -3.44
C GLU A 276 -1.45 -16.77 -2.59
N ARG A 277 -1.19 -16.79 -1.27
CA ARG A 277 -1.80 -17.69 -0.29
C ARG A 277 -3.32 -17.52 -0.27
N ALA A 278 -3.81 -16.25 -0.17
CA ALA A 278 -5.23 -15.90 -0.13
C ALA A 278 -5.97 -16.21 -1.44
N THR A 279 -5.31 -16.01 -2.61
CA THR A 279 -5.89 -16.28 -3.93
C THR A 279 -6.13 -17.78 -4.14
N MET A 280 -5.26 -18.63 -3.55
CA MET A 280 -5.37 -20.09 -3.62
C MET A 280 -6.54 -20.56 -2.74
N MET A 281 -6.90 -19.75 -1.73
CA MET A 281 -8.05 -20.01 -0.83
C MET A 281 -9.34 -19.94 -1.63
N ALA A 282 -9.35 -19.13 -2.72
CA ALA A 282 -10.52 -18.99 -3.59
C ALA A 282 -10.80 -20.30 -4.33
N GLN A 283 -9.75 -20.96 -4.86
CA GLN A 283 -9.86 -22.24 -5.58
C GLN A 283 -10.42 -23.32 -4.65
N GLU A 284 -9.85 -23.43 -3.44
CA GLU A 284 -10.27 -24.38 -2.40
C GLU A 284 -10.43 -23.59 -1.11
N GLU A 285 -11.68 -23.43 -0.64
CA GLU A 285 -11.98 -22.62 0.54
C GLU A 285 -12.18 -23.43 1.82
N GLY A 286 -11.26 -23.24 2.77
CA GLY A 286 -11.30 -23.87 4.08
C GLY A 286 -11.70 -22.87 5.15
N MET A 287 -11.86 -21.60 4.74
CA MET A 287 -12.24 -20.46 5.58
C MET A 287 -12.87 -19.36 4.72
N SER A 288 -13.53 -18.36 5.36
CA SER A 288 -14.14 -17.23 4.67
C SER A 288 -13.06 -16.37 4.00
N GLN A 289 -13.29 -15.94 2.74
CA GLN A 289 -12.35 -15.19 1.92
C GLN A 289 -11.87 -13.88 2.53
N ALA A 290 -12.77 -13.08 3.12
CA ALA A 290 -12.46 -11.77 3.68
C ALA A 290 -11.40 -11.77 4.79
N ILE A 291 -11.46 -12.74 5.73
CA ILE A 291 -10.47 -12.82 6.81
C ILE A 291 -9.11 -13.26 6.22
N ALA A 292 -9.11 -14.12 5.17
CA ALA A 292 -7.91 -14.56 4.45
C ALA A 292 -7.29 -13.37 3.71
N ASP A 293 -8.13 -12.45 3.21
CA ASP A 293 -7.71 -11.24 2.51
C ASP A 293 -7.16 -10.21 3.49
N LEU A 294 -7.83 -10.04 4.65
CA LEU A 294 -7.39 -9.11 5.71
C LEU A 294 -6.04 -9.54 6.27
N ILE A 295 -5.78 -10.87 6.36
CA ILE A 295 -4.50 -11.44 6.79
C ILE A 295 -3.43 -11.11 5.73
N ALA A 296 -3.75 -11.31 4.43
CA ALA A 296 -2.87 -11.02 3.28
C ALA A 296 -2.49 -9.53 3.18
N LEU A 297 -3.33 -8.65 3.73
CA LEU A 297 -3.11 -7.19 3.76
C LEU A 297 -2.44 -6.76 5.08
N ASN A 298 -2.00 -7.74 5.88
CA ASN A 298 -1.30 -7.58 7.16
C ASN A 298 -2.07 -6.72 8.17
N VAL A 299 -3.37 -7.03 8.32
CA VAL A 299 -4.25 -6.35 9.29
C VAL A 299 -4.15 -7.14 10.60
N PRO A 300 -3.80 -6.50 11.75
CA PRO A 300 -3.73 -7.24 13.02
C PRO A 300 -5.02 -8.02 13.31
N VAL A 301 -4.89 -9.35 13.50
CA VAL A 301 -6.01 -10.27 13.77
C VAL A 301 -5.76 -11.07 15.06
N ASP A 302 -6.84 -11.57 15.69
CA ASP A 302 -6.77 -12.42 16.88
C ASP A 302 -7.28 -13.81 16.50
N ALA A 303 -6.35 -14.72 16.17
CA ALA A 303 -6.63 -16.09 15.74
C ALA A 303 -6.82 -17.07 16.90
N GLU A 304 -6.09 -16.85 18.00
CA GLU A 304 -6.08 -17.69 19.20
C GLU A 304 -7.39 -17.67 20.01
N ARG A 305 -8.10 -16.54 20.06
CA ARG A 305 -9.33 -16.43 20.86
C ARG A 305 -10.62 -16.47 20.01
N GLU A 306 -11.78 -16.55 20.70
CA GLU A 306 -13.14 -16.55 20.16
C GLU A 306 -13.98 -15.68 21.08
N ALA A 307 -14.47 -14.55 20.57
CA ALA A 307 -15.25 -13.59 21.34
C ALA A 307 -16.75 -13.72 21.13
N THR A 308 -17.49 -13.74 22.25
CA THR A 308 -18.96 -13.76 22.23
C THR A 308 -19.35 -12.31 22.48
N ILE A 309 -19.86 -11.65 21.44
CA ILE A 309 -20.23 -10.23 21.44
C ILE A 309 -21.73 -10.07 21.56
N THR A 310 -22.18 -8.95 22.13
CA THR A 310 -23.60 -8.60 22.21
C THR A 310 -23.77 -7.09 21.91
N ILE A 311 -24.62 -6.80 20.92
CA ILE A 311 -24.93 -5.45 20.44
C ILE A 311 -25.94 -4.80 21.37
N GLN A 312 -25.57 -3.64 21.94
CA GLN A 312 -26.40 -2.92 22.92
C GLN A 312 -27.80 -2.55 22.43
N ASP A 313 -27.90 -1.87 21.28
CA ASP A 313 -29.18 -1.43 20.71
C ASP A 313 -30.09 -2.57 20.26
N THR A 314 -29.53 -3.57 19.56
CA THR A 314 -30.22 -4.74 19.01
C THR A 314 -30.56 -5.83 20.02
N GLY A 315 -29.60 -6.17 20.87
CA GLY A 315 -29.73 -7.26 21.83
C GLY A 315 -29.17 -8.56 21.26
N ALA A 316 -28.75 -8.53 19.98
CA ALA A 316 -28.18 -9.66 19.24
C ALA A 316 -26.82 -10.09 19.80
N THR A 317 -26.62 -11.41 19.99
CA THR A 317 -25.37 -12.01 20.48
C THR A 317 -24.72 -12.84 19.37
N LEU A 318 -23.38 -12.82 19.28
CA LEU A 318 -22.61 -13.52 18.25
C LEU A 318 -21.23 -14.01 18.67
N PRO A 319 -20.88 -15.30 18.39
CA PRO A 319 -19.50 -15.74 18.64
C PRO A 319 -18.64 -15.54 17.37
N GLY A 320 -17.41 -15.06 17.54
CA GLY A 320 -16.53 -14.83 16.39
C GLY A 320 -15.15 -14.27 16.70
N THR A 321 -14.33 -14.11 15.66
CA THR A 321 -12.95 -13.61 15.74
C THR A 321 -12.84 -12.15 15.30
N PHE A 322 -12.03 -11.36 16.03
CA PHE A 322 -11.78 -9.94 15.79
C PHE A 322 -10.63 -9.66 14.81
N ALA A 323 -10.55 -8.40 14.36
CA ALA A 323 -9.52 -7.84 13.49
C ALA A 323 -9.52 -6.32 13.62
N LEU A 324 -8.37 -5.72 13.95
CA LEU A 324 -8.23 -4.26 14.10
C LEU A 324 -7.26 -3.74 13.07
N THR A 325 -7.58 -2.63 12.36
CA THR A 325 -6.67 -2.03 11.38
C THR A 325 -5.52 -1.33 12.10
N ASP A 326 -5.80 -0.84 13.31
CA ASP A 326 -4.86 -0.19 14.21
C ASP A 326 -4.88 -0.94 15.55
N SER A 327 -3.79 -1.69 15.85
CA SER A 327 -3.65 -2.47 17.10
C SER A 327 -3.62 -1.58 18.35
N SER A 328 -3.29 -0.28 18.16
CA SER A 328 -3.25 0.75 19.20
C SER A 328 -4.63 1.07 19.77
N ASP A 329 -5.71 0.51 19.14
CA ASP A 329 -7.09 0.64 19.60
C ASP A 329 -7.30 -0.15 20.90
N GLY A 330 -6.18 -0.54 21.52
CA GLY A 330 -6.08 -1.24 22.78
C GLY A 330 -6.65 -2.64 22.83
N PRO A 331 -6.40 -3.38 23.93
CA PRO A 331 -6.96 -4.74 24.05
C PRO A 331 -8.47 -4.70 24.28
N LEU A 332 -9.20 -5.64 23.65
CA LEU A 332 -10.64 -5.75 23.80
C LEU A 332 -10.90 -6.75 24.91
N SER A 333 -11.08 -6.24 26.14
CA SER A 333 -11.29 -7.01 27.35
C SER A 333 -12.74 -7.47 27.54
N ALA A 334 -12.92 -8.66 28.14
CA ALA A 334 -14.24 -9.22 28.44
C ALA A 334 -14.87 -8.47 29.61
N GLY A 335 -16.16 -8.18 29.48
CA GLY A 335 -16.95 -7.45 30.47
C GLY A 335 -17.03 -5.96 30.16
N GLN A 336 -16.20 -5.49 29.20
CA GLN A 336 -16.12 -4.10 28.77
C GLN A 336 -17.01 -3.79 27.56
N THR A 337 -17.48 -2.53 27.47
CA THR A 337 -18.34 -1.99 26.42
C THR A 337 -17.50 -1.05 25.53
N TYR A 338 -17.51 -1.27 24.20
CA TYR A 338 -16.72 -0.45 23.26
C TYR A 338 -17.56 0.22 22.18
N ASP A 339 -17.27 1.50 21.90
CA ASP A 339 -17.93 2.24 20.83
C ASP A 339 -16.93 2.44 19.71
N PRO A 340 -17.14 1.80 18.54
CA PRO A 340 -16.18 1.92 17.43
C PRO A 340 -16.06 3.29 16.77
N SER A 341 -16.97 4.23 17.09
CA SER A 341 -16.93 5.59 16.55
C SER A 341 -15.77 6.39 17.16
N THR A 342 -15.34 6.02 18.38
CA THR A 342 -14.25 6.66 19.14
C THR A 342 -12.86 6.16 18.68
N PHE A 343 -12.78 4.91 18.20
CA PHE A 343 -11.54 4.25 17.77
C PHE A 343 -10.83 4.93 16.60
N SER A 344 -9.49 4.77 16.54
CA SER A 344 -8.62 5.32 15.50
C SER A 344 -8.78 4.57 14.18
N GLY A 345 -8.82 3.23 14.25
CA GLY A 345 -9.00 2.36 13.10
C GLY A 345 -10.38 1.75 13.03
N ASP A 346 -10.53 0.69 12.21
CA ASP A 346 -11.81 -0.01 12.03
C ASP A 346 -11.79 -1.41 12.62
N VAL A 347 -12.90 -1.79 13.30
CA VAL A 347 -13.06 -3.10 13.91
C VAL A 347 -13.79 -4.03 12.95
N TYR A 348 -13.18 -5.17 12.63
CA TYR A 348 -13.79 -6.19 11.78
C TYR A 348 -14.08 -7.40 12.65
N PHE A 349 -15.26 -7.98 12.45
CA PHE A 349 -15.71 -9.15 13.19
C PHE A 349 -16.16 -10.20 12.20
N THR A 350 -15.53 -11.38 12.25
CA THR A 350 -15.85 -12.50 11.36
C THR A 350 -16.59 -13.53 12.19
N ALA A 351 -17.85 -13.83 11.84
CA ALA A 351 -18.67 -14.76 12.60
C ALA A 351 -19.69 -15.47 11.73
N ASP A 352 -20.28 -16.56 12.26
CA ASP A 352 -21.31 -17.34 11.57
C ASP A 352 -22.66 -16.65 11.80
N MET A 353 -23.31 -16.23 10.71
CA MET A 353 -24.60 -15.54 10.73
C MET A 353 -25.76 -16.40 11.22
N SER A 354 -25.68 -17.73 11.02
CA SER A 354 -26.74 -18.66 11.46
C SER A 354 -26.93 -18.66 12.97
N LEU A 355 -25.85 -18.42 13.72
CA LEU A 355 -25.88 -18.39 15.19
C LEU A 355 -26.47 -17.10 15.75
N VAL A 356 -26.69 -16.06 14.88
CA VAL A 356 -27.28 -14.77 15.31
C VAL A 356 -28.57 -15.02 16.08
N GLU A 357 -28.61 -14.58 17.36
CA GLU A 357 -29.75 -14.76 18.25
C GLU A 357 -29.81 -13.64 19.30
N GLY A 358 -31.03 -13.22 19.64
CA GLY A 358 -31.28 -12.18 20.62
C GLY A 358 -32.73 -12.04 21.03
N PRO A 359 -33.04 -11.37 22.16
CA PRO A 359 -34.44 -11.23 22.58
C PRO A 359 -35.21 -10.17 21.80
N TRP A 360 -36.49 -10.45 21.51
CA TRP A 360 -37.39 -9.54 20.80
C TRP A 360 -38.46 -9.04 21.78
N ASP A 361 -38.17 -7.92 22.47
CA ASP A 361 -39.05 -7.32 23.46
C ASP A 361 -40.13 -6.40 22.85
N ALA A 362 -39.95 -5.97 21.59
CA ALA A 362 -40.89 -5.10 20.88
C ALA A 362 -42.05 -5.89 20.25
N ILE A 363 -42.88 -6.51 21.11
CA ILE A 363 -44.02 -7.33 20.72
C ILE A 363 -45.25 -7.08 21.62
N ASN A 364 -46.45 -7.04 21.01
CA ASN A 364 -47.72 -6.87 21.74
C ASN A 364 -48.08 -8.17 22.43
N SER A 365 -48.66 -8.07 23.65
CA SER A 365 -49.05 -9.23 24.45
C SER A 365 -50.19 -10.03 23.82
N GLY A 366 -51.24 -9.36 23.39
CA GLY A 366 -52.41 -10.01 22.80
C GLY A 366 -52.22 -10.69 21.46
N VAL A 367 -52.77 -11.92 21.35
CA VAL A 367 -52.82 -12.70 20.11
C VAL A 367 -54.33 -12.78 19.82
N ASP A 368 -54.82 -11.81 19.05
CA ASP A 368 -56.25 -11.67 18.72
C ASP A 368 -56.54 -12.34 17.38
N GLY A 369 -57.40 -13.37 17.42
CA GLY A 369 -57.79 -14.18 16.26
C GLY A 369 -56.62 -14.72 15.47
N GLY A 370 -55.57 -15.14 16.18
CA GLY A 370 -54.33 -15.67 15.60
C GLY A 370 -53.34 -14.63 15.13
N THR A 371 -53.67 -13.33 15.24
CA THR A 371 -52.77 -12.27 14.78
C THR A 371 -51.79 -11.82 15.87
N ILE A 372 -50.49 -11.85 15.55
CA ILE A 372 -49.38 -11.44 16.41
C ILE A 372 -48.87 -10.08 15.87
N THR A 373 -48.73 -9.08 16.75
CA THR A 373 -48.27 -7.75 16.34
C THR A 373 -46.95 -7.38 17.04
N ILE A 374 -46.00 -6.84 16.27
CA ILE A 374 -44.68 -6.38 16.74
C ILE A 374 -44.59 -4.86 16.55
N THR A 375 -43.86 -4.15 17.46
CA THR A 375 -43.77 -2.68 17.42
C THR A 375 -42.45 -2.14 16.81
N SER A 376 -41.69 -3.01 16.12
CA SER A 376 -40.43 -2.64 15.44
C SER A 376 -40.26 -3.45 14.16
N GLU A 377 -39.44 -2.95 13.22
CA GLU A 377 -39.20 -3.62 11.93
C GLU A 377 -38.42 -4.93 12.11
N PRO A 378 -38.95 -6.08 11.59
CA PRO A 378 -38.21 -7.34 11.70
C PRO A 378 -36.94 -7.32 10.86
N TYR A 379 -35.86 -7.90 11.38
CA TYR A 379 -34.56 -7.92 10.71
C TYR A 379 -34.50 -8.91 9.56
N GLU A 380 -33.90 -8.47 8.43
CA GLU A 380 -33.73 -9.26 7.20
C GLU A 380 -32.78 -10.43 7.46
N GLY A 381 -33.20 -11.63 7.07
CA GLY A 381 -32.42 -12.85 7.26
C GLY A 381 -32.61 -13.51 8.62
N THR A 382 -33.57 -13.01 9.42
CA THR A 382 -33.89 -13.56 10.75
C THR A 382 -35.37 -13.87 10.86
N ALA A 383 -35.72 -14.81 11.73
CA ALA A 383 -37.09 -15.20 12.01
C ALA A 383 -37.40 -14.93 13.49
N ILE A 384 -38.57 -14.33 13.77
CA ILE A 384 -39.00 -14.05 15.14
C ILE A 384 -39.75 -15.27 15.63
N GLU A 385 -39.19 -15.95 16.64
CA GLU A 385 -39.77 -17.14 17.27
C GLU A 385 -40.63 -16.68 18.43
N VAL A 386 -41.95 -16.67 18.22
CA VAL A 386 -42.95 -16.22 19.19
C VAL A 386 -43.47 -17.40 20.00
N THR A 387 -43.32 -17.34 21.33
CA THR A 387 -43.80 -18.37 22.25
C THR A 387 -45.01 -17.82 22.99
N THR A 388 -46.16 -18.51 22.89
CA THR A 388 -47.40 -18.10 23.55
C THR A 388 -47.45 -18.60 24.98
N VAL A 389 -48.44 -18.10 25.75
CA VAL A 389 -48.70 -18.44 27.16
C VAL A 389 -49.15 -19.93 27.27
N GLU A 390 -49.64 -20.53 26.17
CA GLU A 390 -50.06 -21.93 26.09
C GLU A 390 -48.90 -22.88 25.70
N SER A 391 -47.64 -22.37 25.79
CA SER A 391 -46.39 -23.06 25.48
C SER A 391 -46.30 -23.59 24.04
N GLU A 392 -46.80 -22.78 23.09
CA GLU A 392 -46.74 -23.05 21.65
C GLU A 392 -45.80 -22.05 21.04
N THR A 393 -45.05 -22.47 20.03
CA THR A 393 -44.09 -21.59 19.35
C THR A 393 -44.35 -21.55 17.85
N VAL A 394 -44.15 -20.37 17.26
CA VAL A 394 -44.29 -20.13 15.83
C VAL A 394 -43.08 -19.34 15.35
N SER A 395 -42.43 -19.82 14.28
CA SER A 395 -41.27 -19.14 13.70
C SER A 395 -41.75 -18.33 12.51
N VAL A 396 -41.57 -17.01 12.58
CA VAL A 396 -42.03 -16.11 11.52
C VAL A 396 -40.85 -15.39 10.88
N PRO A 397 -40.51 -15.70 9.60
CA PRO A 397 -39.41 -14.97 8.94
C PRO A 397 -39.86 -13.54 8.62
N ALA A 398 -38.93 -12.56 8.68
CA ALA A 398 -39.23 -11.14 8.44
C ALA A 398 -40.12 -10.88 7.21
N ALA A 399 -39.88 -11.61 6.10
CA ALA A 399 -40.62 -11.51 4.84
C ALA A 399 -42.12 -11.84 4.97
N ASP A 400 -42.52 -12.55 6.04
CA ASP A 400 -43.91 -12.93 6.28
C ASP A 400 -44.68 -11.91 7.15
N TRP A 401 -43.97 -10.95 7.76
CA TRP A 401 -44.55 -9.88 8.58
C TRP A 401 -45.12 -8.78 7.70
N THR A 402 -46.45 -8.54 7.80
CA THR A 402 -47.17 -7.53 7.02
C THR A 402 -47.09 -6.16 7.71
N ASP A 403 -46.62 -5.13 6.97
CA ASP A 403 -46.50 -3.75 7.48
C ASP A 403 -47.88 -3.08 7.55
N ASN A 404 -48.23 -2.53 8.72
CA ASN A 404 -49.51 -1.84 8.94
C ASN A 404 -49.39 -0.34 8.63
N GLY A 405 -48.16 0.16 8.59
CA GLY A 405 -47.87 1.57 8.34
C GLY A 405 -48.08 2.45 9.56
N ASP A 406 -48.36 1.81 10.71
CA ASP A 406 -48.60 2.42 12.02
C ASP A 406 -47.32 2.36 12.88
N GLY A 407 -46.26 1.81 12.29
CA GLY A 407 -45.00 1.59 12.98
C GLY A 407 -45.04 0.22 13.63
N THR A 408 -46.06 -0.58 13.25
CA THR A 408 -46.34 -1.93 13.71
C THR A 408 -46.44 -2.91 12.54
N TRP A 409 -46.00 -4.15 12.75
CA TRP A 409 -46.04 -5.24 11.78
C TRP A 409 -46.85 -6.40 12.36
N SER A 410 -47.67 -7.07 11.54
CA SER A 410 -48.48 -8.19 12.00
C SER A 410 -48.39 -9.44 11.12
N TYR A 411 -48.66 -10.62 11.72
CA TYR A 411 -48.68 -11.93 11.07
C TYR A 411 -49.87 -12.74 11.60
N ASP A 412 -50.56 -13.48 10.71
CA ASP A 412 -51.70 -14.33 11.04
C ASP A 412 -51.24 -15.79 11.24
N ALA A 413 -51.14 -16.20 12.51
CA ALA A 413 -50.69 -17.53 12.90
C ALA A 413 -51.83 -18.50 13.21
N SER A 414 -53.01 -18.29 12.57
CA SER A 414 -54.19 -19.15 12.75
C SER A 414 -54.00 -20.60 12.27
N GLY A 415 -53.09 -20.78 11.31
CA GLY A 415 -52.77 -22.09 10.75
C GLY A 415 -51.62 -22.78 11.46
N ASP A 416 -50.84 -22.00 12.23
CA ASP A 416 -49.66 -22.45 12.98
C ASP A 416 -49.96 -22.79 14.45
N LEU A 417 -50.85 -22.04 15.12
CA LEU A 417 -51.20 -22.24 16.54
C LEU A 417 -52.46 -23.05 16.73
N GLU A 418 -52.52 -23.83 17.84
CA GLU A 418 -53.68 -24.62 18.23
C GLU A 418 -54.69 -23.70 18.91
N THR A 419 -54.20 -22.76 19.75
CA THR A 419 -55.02 -21.77 20.42
C THR A 419 -54.65 -20.42 19.81
N THR A 420 -55.59 -19.88 19.03
CA THR A 420 -55.43 -18.60 18.30
C THR A 420 -55.56 -17.40 19.24
N ILE A 421 -56.46 -17.47 20.24
CA ILE A 421 -56.67 -16.40 21.21
C ILE A 421 -55.84 -16.73 22.45
N THR A 422 -54.71 -16.03 22.62
CA THR A 422 -53.75 -16.22 23.72
C THR A 422 -52.91 -14.95 23.92
N ASN A 423 -51.85 -15.02 24.75
CA ASN A 423 -50.94 -13.91 25.02
C ASN A 423 -49.51 -14.37 24.81
N VAL A 424 -48.65 -13.49 24.28
CA VAL A 424 -47.24 -13.77 24.04
C VAL A 424 -46.53 -13.89 25.39
N ASP A 425 -45.82 -15.00 25.62
CA ASP A 425 -45.06 -15.27 26.83
C ASP A 425 -43.69 -14.59 26.70
N SER A 426 -43.03 -14.81 25.54
CA SER A 426 -41.73 -14.28 25.17
C SER A 426 -41.53 -14.43 23.66
N ALA A 427 -40.57 -13.69 23.10
CA ALA A 427 -40.19 -13.74 21.69
C ALA A 427 -38.71 -13.48 21.54
N ARG A 428 -38.07 -14.20 20.59
CA ARG A 428 -36.65 -14.05 20.30
C ARG A 428 -36.39 -14.16 18.81
N PHE A 429 -35.37 -13.46 18.30
CA PHE A 429 -35.02 -13.55 16.88
C PHE A 429 -33.82 -14.46 16.71
N VAL A 430 -33.88 -15.36 15.72
CA VAL A 430 -32.84 -16.34 15.40
C VAL A 430 -32.62 -16.27 13.87
N SER A 431 -31.42 -16.62 13.38
CA SER A 431 -31.11 -16.60 11.95
C SER A 431 -31.91 -17.64 11.15
N THR A 432 -32.16 -17.35 9.87
CA THR A 432 -32.90 -18.24 8.97
C THR A 432 -31.95 -19.16 8.18
N ALA A 433 -30.63 -18.96 8.36
CA ALA A 433 -29.58 -19.73 7.67
C ALA A 433 -29.63 -21.23 7.99
N THR A 434 -29.78 -22.03 6.92
CA THR A 434 -29.88 -23.49 6.92
C THR A 434 -28.56 -24.17 7.32
N GLU A 435 -27.43 -23.55 6.98
CA GLU A 435 -26.08 -24.06 7.24
C GLU A 435 -25.17 -23.00 7.87
N THR A 436 -23.92 -23.39 8.20
CA THR A 436 -22.91 -22.49 8.76
C THR A 436 -22.45 -21.55 7.65
N THR A 437 -22.82 -20.26 7.77
CA THR A 437 -22.47 -19.23 6.78
C THR A 437 -21.60 -18.16 7.44
N TYR A 438 -20.31 -18.12 7.06
CA TYR A 438 -19.37 -17.12 7.58
C TYR A 438 -19.50 -15.79 6.86
N ASP A 439 -19.31 -14.69 7.60
CA ASP A 439 -19.40 -13.33 7.09
C ASP A 439 -18.49 -12.41 7.90
N THR A 440 -17.94 -11.37 7.22
CA THR A 440 -17.05 -10.39 7.84
C THR A 440 -17.78 -9.04 7.90
N LEU A 441 -18.02 -8.56 9.13
CA LEU A 441 -18.71 -7.30 9.41
C LEU A 441 -17.73 -6.24 9.94
N GLN A 442 -18.00 -4.96 9.65
CA GLN A 442 -17.22 -3.84 10.19
C GLN A 442 -18.10 -3.17 11.23
N LEU A 443 -17.91 -3.54 12.52
CA LEU A 443 -18.68 -3.04 13.67
C LEU A 443 -18.65 -1.52 13.75
N LYS A 444 -19.82 -0.89 13.64
CA LYS A 444 -19.98 0.57 13.66
C LYS A 444 -20.65 1.07 14.94
N GLY A 445 -21.53 0.24 15.50
CA GLY A 445 -22.26 0.53 16.72
C GLY A 445 -21.68 -0.14 17.94
N ALA A 446 -21.99 0.42 19.13
CA ALA A 446 -21.54 -0.05 20.44
C ALA A 446 -21.81 -1.54 20.68
N PHE A 447 -20.77 -2.23 21.15
CA PHE A 447 -20.80 -3.66 21.45
C PHE A 447 -20.17 -3.95 22.81
N THR A 448 -20.56 -5.07 23.44
CA THR A 448 -19.98 -5.49 24.72
C THR A 448 -19.41 -6.90 24.53
N VAL A 449 -18.16 -7.11 24.97
CA VAL A 449 -17.46 -8.38 24.88
C VAL A 449 -17.89 -9.21 26.09
N ASP A 450 -18.74 -10.24 25.87
CA ASP A 450 -19.26 -11.10 26.95
C ASP A 450 -18.18 -12.00 27.51
N LYS A 451 -17.61 -12.88 26.66
CA LYS A 451 -16.55 -13.82 27.03
C LYS A 451 -15.53 -14.01 25.92
N LEU A 452 -14.30 -14.37 26.30
CA LEU A 452 -13.20 -14.65 25.38
C LEU A 452 -12.73 -16.09 25.61
N VAL A 453 -13.03 -16.97 24.64
CA VAL A 453 -12.74 -18.40 24.69
C VAL A 453 -11.45 -18.71 23.92
N ASN A 454 -10.48 -19.39 24.57
CA ASN A 454 -9.26 -19.82 23.86
C ASN A 454 -9.72 -20.79 22.75
N LYS A 455 -8.99 -20.78 21.61
CA LYS A 455 -9.29 -21.55 20.41
C LYS A 455 -9.45 -23.06 20.61
N GLN A 456 -8.53 -23.72 21.33
CA GLN A 456 -8.61 -25.17 21.48
C GLN A 456 -9.07 -25.66 22.86
N SER A 457 -8.37 -25.25 23.93
CA SER A 457 -8.66 -25.67 25.31
C SER A 457 -10.06 -25.27 25.83
N GLY A 458 -10.46 -24.03 25.53
CA GLY A 458 -11.76 -23.50 25.94
C GLY A 458 -11.71 -22.61 27.18
N GLU A 459 -10.51 -22.11 27.54
CA GLU A 459 -10.26 -21.25 28.70
C GLU A 459 -10.87 -19.87 28.53
N GLU A 460 -11.30 -19.24 29.64
CA GLU A 460 -11.86 -17.89 29.62
C GLU A 460 -10.76 -16.88 29.99
N VAL A 461 -10.34 -16.08 28.99
CA VAL A 461 -9.29 -15.08 29.10
C VAL A 461 -9.88 -13.67 29.28
N SER A 462 -9.13 -12.78 29.97
CA SER A 462 -9.54 -11.39 30.23
C SER A 462 -9.45 -10.49 29.01
N SER A 463 -8.28 -10.43 28.33
CA SER A 463 -8.04 -9.57 27.17
C SER A 463 -7.72 -10.31 25.86
N THR A 464 -7.53 -9.54 24.76
CA THR A 464 -7.18 -10.01 23.41
C THR A 464 -5.72 -9.71 23.08
N SER A 465 -5.13 -10.48 22.15
CA SER A 465 -3.76 -10.29 21.67
C SER A 465 -3.76 -10.40 20.15
N PHE A 466 -3.49 -9.28 19.47
CA PHE A 466 -3.45 -9.20 18.01
C PHE A 466 -2.06 -9.43 17.47
N THR A 467 -1.97 -10.06 16.30
CA THR A 467 -0.70 -10.37 15.63
C THR A 467 -0.71 -9.98 14.16
N SER A 468 0.45 -9.52 13.67
CA SER A 468 0.71 -9.13 12.27
C SER A 468 2.22 -9.17 12.00
N SER A 469 2.59 -9.43 10.73
CA SER A 469 3.97 -9.48 10.26
C SER A 469 4.58 -8.06 10.20
N GLU A 470 5.91 -7.96 10.10
CA GLU A 470 6.68 -6.72 10.03
C GLU A 470 6.21 -5.83 8.85
N PRO A 471 5.68 -4.61 9.12
CA PRO A 471 5.25 -3.74 8.00
C PRO A 471 6.42 -3.36 7.11
N GLN A 472 6.21 -3.36 5.80
CA GLN A 472 7.22 -3.03 4.81
C GLN A 472 7.44 -1.53 4.67
N THR A 473 8.72 -1.13 4.68
CA THR A 473 9.21 0.24 4.56
C THR A 473 10.17 0.34 3.37
N ASP A 474 10.64 1.56 3.06
CA ASP A 474 11.57 1.79 1.97
C ASP A 474 13.00 1.30 2.31
N SER A 475 13.24 0.83 3.54
CA SER A 475 14.58 0.40 3.96
C SER A 475 14.66 -1.01 4.57
N ASN A 476 13.52 -1.69 4.75
CA ASN A 476 13.48 -3.03 5.36
C ASN A 476 13.43 -4.20 4.35
N TYR A 477 13.46 -5.45 4.86
CA TYR A 477 13.44 -6.71 4.11
C TYR A 477 14.73 -6.84 3.28
N ILE A 478 15.87 -6.73 3.99
CA ILE A 478 17.26 -6.78 3.50
C ILE A 478 17.85 -8.15 3.85
N THR A 479 17.38 -8.74 4.97
CA THR A 479 17.85 -10.03 5.46
C THR A 479 16.89 -11.14 5.07
N GLN A 480 17.39 -12.38 4.92
CA GLN A 480 16.61 -13.57 4.62
C GLN A 480 15.65 -13.91 5.76
N ASP A 481 16.04 -13.59 7.01
CA ASP A 481 15.26 -13.82 8.23
C ASP A 481 13.95 -13.05 8.22
N GLU A 482 13.98 -11.79 7.73
CA GLU A 482 12.80 -10.91 7.62
C GLU A 482 11.79 -11.54 6.66
N TRP A 483 12.30 -12.09 5.54
CA TRP A 483 11.52 -12.76 4.50
C TRP A 483 11.00 -14.13 4.95
N ASP A 484 11.83 -14.91 5.67
CA ASP A 484 11.48 -16.22 6.21
C ASP A 484 10.34 -16.09 7.22
N GLN A 485 10.40 -15.05 8.08
CA GLN A 485 9.38 -14.73 9.08
C GLN A 485 8.07 -14.35 8.41
N LEU A 486 8.11 -13.61 7.28
CA LEU A 486 6.92 -13.20 6.53
C LEU A 486 6.08 -14.41 6.08
N GLU A 487 6.75 -15.43 5.47
CA GLU A 487 6.10 -16.65 4.99
C GLU A 487 5.62 -17.54 6.15
N GLN A 488 6.45 -17.67 7.21
CA GLN A 488 6.18 -18.50 8.39
C GLN A 488 5.01 -17.94 9.21
N GLN A 489 5.06 -16.62 9.57
CA GLN A 489 4.01 -15.94 10.34
C GLN A 489 2.66 -16.01 9.64
N ASN A 490 2.66 -15.85 8.30
CA ASN A 490 1.47 -15.89 7.45
C ASN A 490 0.87 -17.28 7.30
N LYS A 491 1.70 -18.32 7.03
CA LYS A 491 1.19 -19.68 6.83
C LYS A 491 0.63 -20.29 8.13
N GLU A 492 1.16 -19.90 9.30
CA GLU A 492 0.64 -20.40 10.57
C GLU A 492 -0.63 -19.64 10.98
N LEU A 493 -0.87 -18.44 10.41
CA LEU A 493 -2.09 -17.67 10.68
C LEU A 493 -3.26 -18.29 9.92
N ILE A 494 -3.03 -18.71 8.66
CA ILE A 494 -4.00 -19.38 7.77
C ILE A 494 -4.40 -20.74 8.38
N GLU A 495 -3.42 -21.48 8.94
CA GLU A 495 -3.60 -22.77 9.61
C GLU A 495 -4.52 -22.66 10.82
N LYS A 496 -4.42 -21.54 11.58
CA LYS A 496 -5.21 -21.24 12.78
C LYS A 496 -6.70 -21.06 12.49
N TYR A 497 -7.05 -20.66 11.25
CA TYR A 497 -8.44 -20.48 10.83
C TYR A 497 -8.95 -21.71 10.09
N GLU A 498 -8.13 -22.78 10.04
CA GLU A 498 -8.45 -24.05 9.37
C GLU A 498 -8.30 -25.20 10.36
N GLU B 39 69.71 5.37 -11.30
CA GLU B 39 69.04 6.57 -10.80
C GLU B 39 70.04 7.72 -10.61
N GLY B 40 71.07 7.49 -9.78
CA GLY B 40 72.11 8.46 -9.46
C GLY B 40 71.64 9.67 -8.67
N LEU B 41 70.44 9.55 -8.04
CA LEU B 41 69.84 10.60 -7.23
C LEU B 41 70.49 10.72 -5.86
N THR B 42 70.40 11.92 -5.30
CA THR B 42 70.91 12.31 -3.99
C THR B 42 69.74 12.18 -2.97
N PRO B 43 69.94 11.73 -1.69
CA PRO B 43 68.81 11.62 -0.75
C PRO B 43 68.03 12.93 -0.56
N ASP B 44 68.75 14.08 -0.47
CA ASP B 44 68.15 15.41 -0.33
C ASP B 44 67.26 15.74 -1.53
N VAL B 45 67.70 15.39 -2.76
CA VAL B 45 66.98 15.59 -4.03
C VAL B 45 65.77 14.65 -4.10
N LEU B 46 65.96 13.34 -3.78
CA LEU B 46 64.85 12.38 -3.79
C LEU B 46 63.74 12.83 -2.84
N ARG B 47 64.10 13.27 -1.62
CA ARG B 47 63.15 13.77 -0.62
C ARG B 47 62.38 15.00 -1.13
N ASN B 48 63.08 15.92 -1.83
CA ASN B 48 62.45 17.11 -2.41
C ASN B 48 61.49 16.74 -3.54
N GLN B 49 61.92 15.80 -4.43
CA GLN B 49 61.10 15.33 -5.55
C GLN B 49 59.86 14.56 -5.08
N LEU B 50 59.98 13.77 -3.98
CA LEU B 50 58.85 13.03 -3.42
C LEU B 50 57.84 13.98 -2.78
N SER B 51 58.34 14.99 -2.03
CA SER B 51 57.54 16.03 -1.37
C SER B 51 56.75 16.82 -2.42
N ASP B 52 57.41 17.19 -3.54
CA ASP B 52 56.82 17.92 -4.66
C ASP B 52 55.70 17.14 -5.33
N SER B 53 55.88 15.80 -5.49
CA SER B 53 54.88 14.92 -6.10
C SER B 53 53.63 14.83 -5.23
N VAL B 54 53.81 14.75 -3.89
CA VAL B 54 52.73 14.69 -2.91
C VAL B 54 51.93 16.00 -2.95
N VAL B 55 52.63 17.16 -2.90
CA VAL B 55 52.04 18.49 -2.96
C VAL B 55 51.21 18.64 -4.24
N LYS B 56 51.79 18.25 -5.41
CA LYS B 56 51.14 18.29 -6.72
C LYS B 56 49.89 17.40 -6.74
N ARG B 57 49.99 16.15 -6.25
CA ARG B 57 48.87 15.21 -6.19
C ARG B 57 47.74 15.73 -5.31
N LYS B 58 48.06 16.23 -4.10
CA LYS B 58 47.07 16.78 -3.18
C LYS B 58 46.36 17.98 -3.80
N SER B 59 47.13 18.91 -4.39
CA SER B 59 46.62 20.12 -5.07
C SER B 59 45.67 19.77 -6.22
N ASN B 60 46.02 18.76 -7.04
CA ASN B 60 45.21 18.29 -8.16
C ASN B 60 43.94 17.59 -7.68
N ASN B 61 44.03 16.82 -6.59
CA ASN B 61 42.89 16.13 -6.00
C ASN B 61 41.91 17.10 -5.33
N GLN B 62 42.43 18.14 -4.65
CA GLN B 62 41.63 19.14 -3.93
C GLN B 62 40.91 20.12 -4.84
N SER B 63 41.44 20.38 -6.06
CA SER B 63 40.86 21.30 -7.05
C SER B 63 39.38 21.01 -7.33
N THR B 64 39.02 19.70 -7.40
CA THR B 64 37.67 19.19 -7.64
C THR B 64 36.88 19.00 -6.34
N MET B 65 37.58 18.90 -5.19
CA MET B 65 37.00 18.69 -3.85
C MET B 65 36.62 20.00 -3.11
N VAL B 66 37.27 21.14 -3.45
CA VAL B 66 37.02 22.43 -2.80
C VAL B 66 35.76 23.13 -3.36
N ASP B 67 35.60 23.16 -4.70
CA ASP B 67 34.47 23.78 -5.41
C ASP B 67 33.31 22.75 -5.59
N ASN B 68 33.23 21.79 -4.64
CA ASN B 68 32.28 20.68 -4.62
C ASN B 68 30.83 21.08 -4.72
N GLN B 69 30.41 22.15 -4.03
CA GLN B 69 29.02 22.62 -4.05
C GLN B 69 28.53 22.96 -5.45
N ASN B 70 29.31 23.76 -6.21
CA ASN B 70 28.98 24.14 -7.59
C ASN B 70 29.06 22.95 -8.55
N ILE B 71 29.95 21.97 -8.28
CA ILE B 71 30.12 20.75 -9.07
C ILE B 71 28.92 19.81 -8.86
N LEU B 72 28.63 19.45 -7.58
CA LEU B 72 27.54 18.56 -7.15
C LEU B 72 26.17 19.03 -7.59
N ASP B 73 25.89 20.34 -7.42
CA ASP B 73 24.62 20.95 -7.84
C ASP B 73 24.47 20.87 -9.35
N GLY B 74 25.58 21.06 -10.06
CA GLY B 74 25.63 20.94 -11.51
C GLY B 74 25.32 19.52 -11.95
N VAL B 75 25.96 18.53 -11.30
CA VAL B 75 25.78 17.09 -11.53
C VAL B 75 24.32 16.71 -11.28
N GLU B 76 23.76 17.18 -10.15
CA GLU B 76 22.38 16.91 -9.75
C GLU B 76 21.36 17.45 -10.76
N HIS B 77 21.54 18.70 -11.21
CA HIS B 77 20.66 19.36 -12.18
C HIS B 77 20.79 18.75 -13.58
N THR B 78 22.02 18.49 -14.04
CA THR B 78 22.31 17.91 -15.35
C THR B 78 21.75 16.48 -15.47
N ALA B 79 22.02 15.62 -14.46
CA ALA B 79 21.54 14.24 -14.42
C ALA B 79 20.02 14.17 -14.42
N TYR B 80 19.35 15.06 -13.66
CA TYR B 80 17.89 15.15 -13.57
C TYR B 80 17.26 15.53 -14.92
N THR B 81 17.89 16.48 -15.65
CA THR B 81 17.45 16.93 -16.96
C THR B 81 17.60 15.80 -18.00
N GLU B 82 18.78 15.10 -18.02
CA GLU B 82 19.06 13.95 -18.90
C GLU B 82 17.99 12.87 -18.69
N ALA B 83 17.62 12.62 -17.43
CA ALA B 83 16.62 11.65 -17.03
C ALA B 83 15.19 12.07 -17.41
N LYS B 84 14.85 13.37 -17.30
CA LYS B 84 13.53 13.90 -17.64
C LYS B 84 13.29 13.79 -19.15
N ILE B 85 14.31 14.11 -19.98
CA ILE B 85 14.25 14.02 -21.44
C ILE B 85 13.95 12.58 -21.84
N ALA B 86 14.69 11.60 -21.26
CA ALA B 86 14.50 10.16 -21.50
C ALA B 86 13.09 9.71 -21.13
N ALA B 87 12.55 10.25 -20.02
CA ALA B 87 11.20 9.96 -19.52
C ALA B 87 10.10 10.55 -20.41
N ILE B 88 10.27 11.82 -20.88
CA ILE B 88 9.31 12.51 -21.75
C ILE B 88 9.12 11.73 -23.05
N GLU B 89 10.22 11.24 -23.65
CA GLU B 89 10.21 10.46 -24.89
C GLU B 89 9.34 9.21 -24.74
N GLU B 90 9.49 8.52 -23.59
CA GLU B 90 8.74 7.32 -23.23
C GLU B 90 7.27 7.63 -22.92
N LEU B 91 7.00 8.76 -22.22
CA LEU B 91 5.62 9.21 -21.91
C LEU B 91 4.85 9.52 -23.18
N ASN B 92 5.52 10.17 -24.15
CA ASN B 92 4.95 10.54 -25.45
C ASN B 92 4.63 9.32 -26.31
N ALA B 93 5.34 8.20 -26.09
CA ALA B 93 5.15 6.94 -26.80
C ALA B 93 4.02 6.07 -26.21
N GLY B 94 3.39 6.57 -25.14
CA GLY B 94 2.31 5.91 -24.42
C GLY B 94 2.75 4.63 -23.71
N SER B 95 4.00 4.60 -23.25
CA SER B 95 4.62 3.46 -22.56
C SER B 95 4.13 3.29 -21.13
N SER B 96 4.45 2.12 -20.52
CA SER B 96 4.11 1.80 -19.13
C SER B 96 4.94 2.68 -18.18
N GLU B 97 4.47 2.90 -16.93
CA GLU B 97 5.19 3.70 -15.94
C GLU B 97 6.58 3.15 -15.65
N SER B 98 6.73 1.80 -15.67
CA SER B 98 7.99 1.09 -15.47
C SER B 98 8.97 1.41 -16.61
N ALA B 99 8.48 1.42 -17.87
CA ALA B 99 9.26 1.73 -19.07
C ALA B 99 9.74 3.18 -19.07
N VAL B 100 8.90 4.11 -18.56
CA VAL B 100 9.21 5.54 -18.46
C VAL B 100 10.38 5.71 -17.47
N LEU B 101 10.25 5.11 -16.27
CA LEU B 101 11.26 5.15 -15.22
C LEU B 101 12.53 4.40 -15.63
N SER B 102 12.38 3.32 -16.44
CA SER B 102 13.50 2.52 -16.96
C SER B 102 14.40 3.38 -17.85
N ALA B 103 13.81 4.19 -18.76
CA ALA B 103 14.56 5.08 -19.66
C ALA B 103 15.26 6.18 -18.88
N ALA B 104 14.57 6.76 -17.88
CA ALA B 104 15.10 7.82 -17.03
C ALA B 104 16.25 7.33 -16.16
N ASN B 105 16.08 6.14 -15.52
CA ASN B 105 17.11 5.56 -14.66
C ASN B 105 18.28 5.00 -15.45
N SER B 106 18.09 4.61 -16.73
CA SER B 106 19.19 4.14 -17.59
C SER B 106 20.11 5.33 -17.90
N ALA B 107 19.52 6.55 -18.03
CA ALA B 107 20.25 7.78 -18.25
C ALA B 107 21.08 8.11 -17.01
N ILE B 108 20.47 7.99 -15.80
CA ILE B 108 21.13 8.22 -14.51
C ILE B 108 22.27 7.20 -14.32
N ASP B 109 22.01 5.91 -14.64
CA ASP B 109 23.02 4.84 -14.52
C ASP B 109 24.28 5.14 -15.29
N SER B 110 24.16 5.56 -16.57
CA SER B 110 25.31 5.93 -17.41
C SER B 110 26.03 7.17 -16.88
N TYR B 111 25.26 8.16 -16.38
CA TYR B 111 25.82 9.41 -15.85
C TYR B 111 26.57 9.17 -14.54
N GLU B 112 25.96 8.40 -13.61
CA GLU B 112 26.54 8.07 -12.30
C GLU B 112 27.80 7.23 -12.47
N THR B 113 27.79 6.25 -13.41
CA THR B 113 28.95 5.40 -13.69
C THR B 113 30.14 6.24 -14.11
N THR B 114 29.92 7.24 -14.99
CA THR B 114 30.97 8.14 -15.46
C THR B 114 31.58 8.95 -14.29
N VAL B 115 30.71 9.60 -13.48
CA VAL B 115 31.12 10.40 -12.32
C VAL B 115 31.86 9.57 -11.28
N ARG B 116 31.29 8.40 -10.91
CA ARG B 116 31.91 7.49 -9.94
C ARG B 116 33.23 6.92 -10.44
N THR B 117 33.27 6.42 -11.70
CA THR B 117 34.48 5.86 -12.31
C THR B 117 35.60 6.90 -12.29
N ASN B 118 35.31 8.18 -12.66
CA ASN B 118 36.30 9.26 -12.65
C ASN B 118 36.84 9.52 -11.25
N PHE B 119 35.94 9.54 -10.25
CA PHE B 119 36.27 9.74 -8.84
C PHE B 119 37.16 8.61 -8.30
N TYR B 120 36.75 7.34 -8.50
CA TYR B 120 37.54 6.19 -8.04
C TYR B 120 38.84 6.01 -8.82
N LYS B 121 38.87 6.42 -10.10
CA LYS B 121 40.07 6.37 -10.95
C LYS B 121 41.16 7.27 -10.37
N SER B 122 40.79 8.48 -9.90
CA SER B 122 41.74 9.44 -9.31
C SER B 122 42.28 8.96 -7.96
N TRP B 123 41.46 8.22 -7.17
CA TRP B 123 41.89 7.62 -5.90
C TRP B 123 42.92 6.54 -6.21
N ASN B 124 42.59 5.65 -7.17
CA ASN B 124 43.46 4.56 -7.63
C ASN B 124 44.82 5.06 -8.07
N GLU B 125 44.85 6.20 -8.81
CA GLU B 125 46.07 6.86 -9.29
C GLU B 125 46.91 7.43 -8.14
N THR B 126 46.27 8.00 -7.09
CA THR B 126 46.92 8.56 -5.89
C THR B 126 47.63 7.44 -5.14
N VAL B 127 46.90 6.34 -4.93
CA VAL B 127 47.28 5.13 -4.22
C VAL B 127 48.34 4.32 -4.99
N ARG B 128 48.28 4.29 -6.35
CA ARG B 128 49.29 3.62 -7.19
C ARG B 128 50.60 4.41 -7.17
N GLU B 129 50.49 5.76 -7.14
CA GLU B 129 51.64 6.67 -7.09
C GLU B 129 52.39 6.47 -5.79
N LEU B 130 51.68 6.41 -4.64
CA LEU B 130 52.29 6.19 -3.34
C LEU B 130 53.11 4.90 -3.35
N GLU B 131 52.56 3.82 -3.95
CA GLU B 131 53.25 2.54 -4.09
C GLU B 131 54.51 2.69 -4.94
N ALA B 132 54.43 3.44 -6.07
CA ALA B 132 55.57 3.70 -6.96
C ALA B 132 56.65 4.50 -6.24
N MET B 133 56.24 5.46 -5.39
CA MET B 133 57.12 6.30 -4.58
C MET B 133 57.77 5.45 -3.49
N THR B 134 57.00 4.54 -2.87
CA THR B 134 57.46 3.60 -1.84
C THR B 134 58.53 2.67 -2.44
N GLN B 135 58.27 2.11 -3.64
CA GLN B 135 59.20 1.22 -4.34
C GLN B 135 60.54 1.92 -4.62
N THR B 136 60.49 3.22 -4.97
CA THR B 136 61.66 4.06 -5.23
C THR B 136 62.51 4.19 -3.96
N VAL B 137 61.89 4.56 -2.82
CA VAL B 137 62.53 4.70 -1.51
C VAL B 137 63.20 3.38 -1.09
N ILE B 138 62.52 2.24 -1.34
CA ILE B 138 63.03 0.89 -1.06
C ILE B 138 64.30 0.63 -1.89
N ALA B 139 64.33 1.08 -3.16
CA ALA B 139 65.47 0.93 -4.06
C ALA B 139 66.67 1.85 -3.71
N HIS B 140 66.44 2.96 -2.94
CA HIS B 140 67.45 3.95 -2.51
C HIS B 140 67.82 3.79 -1.03
N ALA B 141 69.12 3.92 -0.73
CA ALA B 141 69.70 3.66 0.59
C ALA B 141 69.42 4.69 1.70
N ASP B 142 69.68 5.99 1.48
CA ASP B 142 69.57 6.94 2.59
C ASP B 142 68.20 7.62 2.75
N VAL B 143 67.16 7.05 2.14
CA VAL B 143 65.81 7.56 2.36
C VAL B 143 65.04 6.43 3.03
N GLY B 144 64.49 6.74 4.20
CA GLY B 144 63.71 5.80 4.99
C GLY B 144 62.25 5.79 4.58
N LEU B 145 61.56 4.67 4.83
CA LEU B 145 60.14 4.50 4.54
C LEU B 145 59.29 5.47 5.36
N SER B 146 59.79 5.86 6.56
CA SER B 146 59.14 6.82 7.46
C SER B 146 58.95 8.18 6.78
N TYR B 147 59.71 8.46 5.70
CA TYR B 147 59.59 9.71 4.96
C TYR B 147 58.36 9.72 4.05
N ILE B 148 58.12 8.62 3.32
CA ILE B 148 57.06 8.49 2.31
C ILE B 148 55.77 7.81 2.83
N THR B 149 55.88 6.89 3.80
CA THR B 149 54.70 6.21 4.36
C THR B 149 54.67 6.44 5.86
N ASP B 150 54.04 7.53 6.27
CA ASP B 150 53.87 7.88 7.68
C ASP B 150 52.38 7.94 7.96
N PHE B 151 51.87 6.85 8.54
CA PHE B 151 50.47 6.72 8.91
C PHE B 151 50.37 6.64 10.43
N GLY B 152 51.30 7.31 11.10
CA GLY B 152 51.41 7.31 12.55
C GLY B 152 52.25 6.13 13.01
N ASP B 153 53.08 6.33 14.04
CA ASP B 153 53.97 5.28 14.56
C ASP B 153 54.72 4.59 13.37
N PRO B 154 55.47 5.34 12.52
CA PRO B 154 56.12 4.68 11.39
C PRO B 154 57.48 4.07 11.76
N ARG B 155 57.44 2.78 12.14
CA ARG B 155 58.61 1.99 12.52
C ARG B 155 58.62 0.75 11.62
N PHE B 156 59.69 0.55 10.84
CA PHE B 156 59.77 -0.59 9.92
C PHE B 156 60.87 -1.58 10.28
N GLY B 157 61.33 -1.51 11.53
CA GLY B 157 62.38 -2.36 12.07
C GLY B 157 62.25 -3.85 11.81
N ASN B 158 61.01 -4.37 11.71
CA ASN B 158 60.72 -5.79 11.48
C ASN B 158 60.26 -6.09 10.03
N LEU B 159 60.29 -5.07 9.14
CA LEU B 159 59.89 -5.23 7.74
C LEU B 159 61.06 -5.71 6.89
N ALA B 160 60.87 -6.86 6.19
CA ALA B 160 61.88 -7.48 5.31
C ALA B 160 62.38 -6.54 4.21
N SER B 161 63.66 -6.69 3.81
CA SER B 161 64.28 -5.89 2.76
C SER B 161 63.65 -6.20 1.40
N GLY B 162 63.36 -5.14 0.63
CA GLY B 162 62.74 -5.26 -0.69
C GLY B 162 61.24 -5.47 -0.67
N THR B 163 60.63 -5.45 0.53
CA THR B 163 59.20 -5.63 0.76
C THR B 163 58.56 -4.28 1.04
N SER B 164 57.39 -4.03 0.43
CA SER B 164 56.65 -2.79 0.64
C SER B 164 55.72 -2.94 1.85
N PRO B 165 55.58 -1.90 2.72
CA PRO B 165 54.63 -2.01 3.84
C PRO B 165 53.17 -1.86 3.35
N ASN B 166 52.99 -1.48 2.06
CA ASN B 166 51.70 -1.27 1.41
C ASN B 166 51.23 -2.49 0.62
N THR B 167 49.90 -2.62 0.50
CA THR B 167 49.20 -3.65 -0.28
C THR B 167 48.00 -2.97 -0.94
N LEU B 168 47.92 -3.03 -2.28
CA LEU B 168 46.81 -2.47 -3.04
C LEU B 168 45.85 -3.61 -3.34
N LYS B 169 44.78 -3.70 -2.54
CA LYS B 169 43.76 -4.76 -2.62
C LYS B 169 42.66 -4.43 -3.62
N ASP B 170 42.33 -5.40 -4.49
CA ASP B 170 41.27 -5.24 -5.48
C ASP B 170 39.90 -5.36 -4.80
N THR B 171 39.08 -4.31 -4.92
CA THR B 171 37.74 -4.25 -4.34
C THR B 171 36.74 -3.99 -5.46
N THR B 172 35.77 -4.90 -5.62
CA THR B 172 34.73 -4.78 -6.64
C THR B 172 33.63 -3.81 -6.22
N VAL B 173 33.39 -2.82 -7.08
CA VAL B 173 32.34 -1.81 -6.94
C VAL B 173 31.30 -2.12 -8.01
N SER B 174 30.01 -2.20 -7.62
CA SER B 174 28.93 -2.49 -8.55
C SER B 174 28.39 -1.18 -9.13
N MET B 175 28.82 -0.87 -10.37
CA MET B 175 28.41 0.36 -11.06
C MET B 175 26.93 0.26 -11.46
N PRO B 176 26.17 1.39 -11.41
CA PRO B 176 24.73 1.32 -11.74
C PRO B 176 24.36 0.80 -13.11
N ASP B 177 25.30 0.82 -14.09
CA ASP B 177 25.03 0.34 -15.44
C ASP B 177 25.18 -1.19 -15.59
N GLY B 178 25.37 -1.88 -14.47
CA GLY B 178 25.50 -3.33 -14.42
C GLY B 178 26.92 -3.87 -14.49
N THR B 179 27.90 -2.97 -14.74
CA THR B 179 29.32 -3.33 -14.86
C THR B 179 30.02 -3.28 -13.49
N ASN B 180 31.20 -3.92 -13.40
CA ASN B 180 32.02 -3.92 -12.19
C ASN B 180 33.27 -3.06 -12.39
N PHE B 181 33.65 -2.31 -11.35
CA PHE B 181 34.85 -1.48 -11.36
C PHE B 181 35.78 -1.92 -10.23
N THR B 182 37.08 -2.00 -10.52
CA THR B 182 38.08 -2.37 -9.53
C THR B 182 38.60 -1.12 -8.80
N LEU B 183 38.15 -0.93 -7.56
CA LEU B 183 38.58 0.13 -6.67
C LEU B 183 39.74 -0.44 -5.86
N LEU B 184 40.82 0.32 -5.70
CA LEU B 184 41.96 -0.15 -4.94
C LEU B 184 41.82 0.24 -3.48
N THR B 185 41.80 -0.76 -2.59
CA THR B 185 41.73 -0.54 -1.16
C THR B 185 43.17 -0.49 -0.68
N PHE B 186 43.54 0.64 -0.06
CA PHE B 186 44.89 0.84 0.45
C PHE B 186 45.07 0.23 1.83
N ARG B 187 45.95 -0.77 1.92
CA ARG B 187 46.33 -1.41 3.19
C ARG B 187 47.80 -1.07 3.46
N HIS B 188 48.12 -0.73 4.71
CA HIS B 188 49.47 -0.40 5.16
C HIS B 188 49.75 -1.05 6.51
N ASN B 189 50.83 -1.84 6.59
CA ASN B 189 51.26 -2.53 7.81
C ASN B 189 52.78 -2.34 7.94
N THR B 190 53.22 -1.67 9.03
CA THR B 190 54.62 -1.37 9.30
C THR B 190 55.53 -2.62 9.40
N GLY B 191 54.95 -3.79 9.72
CA GLY B 191 55.69 -5.05 9.75
C GLY B 191 55.76 -5.83 11.04
N TRP B 192 55.34 -5.23 12.16
CA TRP B 192 55.36 -5.89 13.47
C TRP B 192 54.22 -6.90 13.59
N ASP B 193 54.35 -7.86 14.52
CA ASP B 193 53.30 -8.85 14.75
C ASP B 193 52.22 -8.24 15.64
N SER B 194 50.95 -8.66 15.51
CA SER B 194 49.76 -8.12 16.21
C SER B 194 49.89 -7.77 17.73
N GLY B 195 50.64 -8.58 18.47
CA GLY B 195 50.85 -8.48 19.92
C GLY B 195 51.91 -7.48 20.35
N ASN B 196 52.67 -6.93 19.38
CA ASN B 196 53.68 -5.91 19.63
C ASN B 196 53.01 -4.56 19.85
N ALA B 197 53.60 -3.72 20.72
CA ALA B 197 53.09 -2.38 21.03
C ALA B 197 53.20 -1.43 19.83
N ALA B 198 54.20 -1.68 18.97
CA ALA B 198 54.48 -0.92 17.75
C ALA B 198 53.53 -1.23 16.60
N TYR B 199 52.83 -2.40 16.65
CA TYR B 199 51.89 -2.86 15.61
C TYR B 199 50.99 -1.72 15.14
N SER B 200 51.15 -1.36 13.86
CA SER B 200 50.41 -0.28 13.21
C SER B 200 49.90 -0.75 11.85
N VAL B 201 48.58 -0.79 11.68
CA VAL B 201 47.92 -1.21 10.44
C VAL B 201 46.72 -0.30 10.13
N VAL B 202 46.60 0.10 8.85
CA VAL B 202 45.50 0.90 8.32
C VAL B 202 45.04 0.30 6.99
N GLU B 203 43.71 0.26 6.77
CA GLU B 203 43.12 -0.25 5.55
C GLU B 203 41.86 0.56 5.27
N TYR B 204 41.85 1.29 4.14
CA TYR B 204 40.72 2.15 3.76
C TYR B 204 40.68 2.47 2.27
N ASN B 205 39.59 3.14 1.85
CA ASN B 205 39.30 3.62 0.49
C ASN B 205 38.28 4.78 0.62
N PRO B 206 37.84 5.47 -0.46
CA PRO B 206 36.85 6.55 -0.27
C PRO B 206 35.50 6.12 0.34
N LYS B 207 35.15 4.83 0.23
CA LYS B 207 33.88 4.29 0.73
C LYS B 207 33.85 3.99 2.23
N GLU B 208 34.90 3.33 2.77
CA GLU B 208 34.96 2.92 4.18
C GLU B 208 36.37 2.71 4.73
N VAL B 209 36.49 2.64 6.07
CA VAL B 209 37.73 2.33 6.80
C VAL B 209 37.54 0.88 7.27
N VAL B 210 38.30 -0.05 6.68
CA VAL B 210 38.24 -1.48 7.00
C VAL B 210 38.80 -1.73 8.41
N THR B 211 40.08 -1.41 8.64
CA THR B 211 40.73 -1.60 9.96
C THR B 211 41.70 -0.46 10.24
N SER B 212 41.66 0.09 11.46
CA SER B 212 42.57 1.15 11.90
C SER B 212 43.13 0.76 13.27
N THR B 213 44.43 0.45 13.34
CA THR B 213 45.08 0.05 14.58
C THR B 213 46.34 0.88 14.77
N ASN B 214 46.37 1.76 15.80
CA ASN B 214 47.49 2.64 16.12
C ASN B 214 47.96 3.36 14.83
N SER B 215 46.99 3.83 14.04
CA SER B 215 47.26 4.48 12.76
C SER B 215 46.22 5.53 12.39
N ASN B 216 46.59 6.38 11.42
CA ASN B 216 45.77 7.46 10.86
C ASN B 216 45.25 7.05 9.48
N THR B 217 44.12 7.63 9.05
CA THR B 217 43.51 7.34 7.75
C THR B 217 44.02 8.31 6.69
N TYR B 218 45.16 8.94 6.95
CA TYR B 218 45.80 9.89 6.03
C TYR B 218 47.31 9.72 6.12
N ASN B 219 48.01 10.07 5.05
CA ASN B 219 49.47 9.97 4.99
C ASN B 219 50.09 11.33 5.25
N THR B 220 51.23 11.37 5.95
CA THR B 220 51.96 12.61 6.24
C THR B 220 53.35 12.53 5.59
N VAL B 221 53.59 13.35 4.55
CA VAL B 221 54.86 13.40 3.82
C VAL B 221 55.34 14.84 3.82
N ASP B 222 56.47 15.12 4.52
CA ASP B 222 57.08 16.45 4.64
C ASP B 222 56.06 17.51 5.13
N GLY B 223 55.37 17.19 6.22
CA GLY B 223 54.37 18.06 6.83
C GLY B 223 53.02 18.15 6.12
N THR B 224 52.91 17.59 4.90
CA THR B 224 51.70 17.59 4.09
C THR B 224 50.86 16.35 4.39
N GLN B 225 49.59 16.55 4.78
CA GLN B 225 48.65 15.48 5.04
C GLN B 225 47.78 15.30 3.80
N TYR B 226 47.76 14.08 3.23
CA TYR B 226 46.96 13.76 2.05
C TYR B 226 46.37 12.36 2.19
N MET B 227 45.56 11.91 1.20
CA MET B 227 44.85 10.62 1.21
C MET B 227 43.90 10.56 2.39
N LYS B 228 43.40 11.73 2.84
CA LYS B 228 42.51 11.86 3.99
C LYS B 228 41.20 11.17 3.74
N PHE B 229 40.86 10.17 4.58
CA PHE B 229 39.59 9.46 4.45
C PHE B 229 38.42 10.43 4.63
N SER B 230 38.52 11.35 5.61
CA SER B 230 37.50 12.36 5.88
C SER B 230 37.22 13.24 4.65
N GLU B 231 38.26 13.57 3.86
CA GLU B 231 38.13 14.37 2.64
C GLU B 231 37.51 13.57 1.49
N TRP B 232 38.05 12.35 1.23
CA TRP B 232 37.58 11.47 0.16
C TRP B 232 36.17 10.91 0.42
N ASN B 233 35.87 10.55 1.67
CA ASN B 233 34.56 10.02 2.08
C ASN B 233 33.48 11.10 2.03
N ALA B 234 33.85 12.37 2.27
CA ALA B 234 32.94 13.52 2.24
C ALA B 234 32.33 13.64 0.83
N VAL B 235 33.18 13.54 -0.22
CA VAL B 235 32.77 13.59 -1.63
C VAL B 235 31.94 12.34 -1.95
N GLU B 236 32.35 11.16 -1.44
CA GLU B 236 31.66 9.89 -1.63
C GLU B 236 30.22 9.94 -1.09
N THR B 237 30.04 10.33 0.18
CA THR B 237 28.73 10.44 0.83
C THR B 237 27.84 11.51 0.18
N GLU B 238 28.44 12.59 -0.34
CA GLU B 238 27.75 13.66 -1.05
C GLU B 238 27.31 13.19 -2.42
N MET B 239 28.13 12.37 -3.09
CA MET B 239 27.84 11.76 -4.39
C MET B 239 26.63 10.83 -4.26
N ASP B 240 26.57 10.03 -3.17
CA ASP B 240 25.44 9.13 -2.88
C ASP B 240 24.17 9.94 -2.69
N THR B 241 24.25 11.06 -1.92
CA THR B 241 23.14 12.00 -1.65
C THR B 241 22.63 12.59 -2.98
N VAL B 242 23.54 13.08 -3.85
CA VAL B 242 23.24 13.67 -5.16
C VAL B 242 22.44 12.70 -6.04
N PHE B 243 22.95 11.47 -6.23
CA PHE B 243 22.29 10.48 -7.09
C PHE B 243 21.02 9.90 -6.46
N GLN B 244 20.87 9.97 -5.12
CA GLN B 244 19.65 9.52 -4.44
C GLN B 244 18.58 10.58 -4.72
N ASN B 245 18.94 11.88 -4.62
CA ASN B 245 18.06 13.02 -4.89
C ASN B 245 17.54 13.03 -6.34
N VAL B 246 18.39 12.66 -7.32
CA VAL B 246 18.02 12.60 -8.74
C VAL B 246 17.00 11.48 -8.99
N ARG B 247 17.28 10.27 -8.48
CA ARG B 247 16.43 9.09 -8.63
C ARG B 247 15.09 9.25 -7.96
N ASN B 248 15.07 9.80 -6.72
CA ASN B 248 13.85 10.07 -5.96
C ASN B 248 13.07 11.18 -6.64
N GLY B 249 13.78 12.19 -7.15
CA GLY B 249 13.20 13.32 -7.86
C GLY B 249 12.51 12.95 -9.15
N ILE B 250 13.15 12.08 -9.95
CA ILE B 250 12.57 11.60 -11.20
C ILE B 250 11.38 10.68 -10.91
N SER B 251 11.42 9.92 -9.78
CA SER B 251 10.32 9.04 -9.37
C SER B 251 9.10 9.86 -9.02
N THR B 252 9.28 10.97 -8.28
CA THR B 252 8.23 11.90 -7.87
C THR B 252 7.59 12.54 -9.10
N TRP B 253 8.43 13.05 -10.04
CA TRP B 253 7.95 13.69 -11.27
C TRP B 253 7.10 12.73 -12.11
N VAL B 254 7.63 11.53 -12.42
CA VAL B 254 6.92 10.51 -13.21
C VAL B 254 5.58 10.14 -12.54
N THR B 255 5.59 9.90 -11.20
CA THR B 255 4.38 9.56 -10.44
C THR B 255 3.27 10.61 -10.58
N ASN B 256 3.64 11.90 -10.56
CA ASN B 256 2.71 13.03 -10.65
C ASN B 256 2.30 13.42 -12.07
N VAL B 257 3.11 13.09 -13.07
CA VAL B 257 2.85 13.48 -14.45
C VAL B 257 2.25 12.31 -15.27
N TYR B 258 2.55 11.05 -14.90
CA TYR B 258 2.02 9.90 -15.64
C TYR B 258 0.49 9.94 -15.71
N GLY B 259 -0.03 9.97 -16.93
CA GLY B 259 -1.47 10.02 -17.16
C GLY B 259 -2.00 11.30 -17.74
N ASP B 260 -1.16 12.36 -17.76
CA ASP B 260 -1.50 13.68 -18.30
C ASP B 260 -1.25 13.71 -19.81
N GLN B 489 3.96 20.20 -24.45
CA GLN B 489 4.77 18.97 -24.50
C GLN B 489 6.20 19.26 -24.95
N ASN B 490 6.36 20.06 -26.04
CA ASN B 490 7.65 20.42 -26.63
C ASN B 490 8.43 21.44 -25.80
N LYS B 491 7.72 22.36 -25.12
CA LYS B 491 8.32 23.40 -24.26
C LYS B 491 8.91 22.78 -22.97
N GLU B 492 8.40 21.59 -22.59
CA GLU B 492 8.85 20.82 -21.42
C GLU B 492 10.07 19.98 -21.81
N LEU B 493 10.14 19.55 -23.09
CA LEU B 493 11.23 18.75 -23.67
C LEU B 493 12.53 19.57 -23.77
N ILE B 494 12.40 20.90 -23.80
CA ILE B 494 13.50 21.85 -23.90
C ILE B 494 13.75 22.55 -22.54
N GLU B 495 15.04 22.63 -22.14
CA GLU B 495 15.52 23.25 -20.89
C GLU B 495 17.04 23.45 -20.94
#